data_6RMM
#
_entry.id   6RMM
#
_cell.length_a   134.810
_cell.length_b   134.810
_cell.length_c   303.020
_cell.angle_alpha   90.00
_cell.angle_beta   90.00
_cell.angle_gamma   120.00
#
_symmetry.space_group_name_H-M   'P 65 2 2'
#
loop_
_entity.id
_entity.type
_entity.pdbx_description
1 polymer 'DNA topoisomerase 2-binding protein 1'
2 polymer 53BP1
#
loop_
_entity_poly.entity_id
_entity_poly.type
_entity_poly.pdbx_seq_one_letter_code
_entity_poly.pdbx_strand_id
1 'polypeptide(L)'
;HSTEEGLFSQKSFLVLGFSNENESNIANIIKENAGKIMSLLSRTVADYAVVPLLGCEVEATVGEVVTNTWLVTCIDYQTL
FDPKSNPLFTPVPVMTGMTPLEDCVISFSQCAGAEKESLTFLANLLGASVQEYFVRKSNAKKGMFASTHLILKERGGSKY
EAAKKWNLPAVTIAWLLETARTGKRADESHFLIENS
;
A,B,C,D
2 'polypeptide(L)' SSDLVAP(SEP)PDAFRST P,R
#
# COMPACT_ATOMS: atom_id res chain seq x y z
N HIS A 1 7.40 -5.24 7.41
CA HIS A 1 7.41 -4.00 8.20
C HIS A 1 6.09 -3.24 7.94
N SER A 2 5.06 -3.59 8.70
CA SER A 2 3.74 -3.01 8.45
C SER A 2 2.72 -3.78 9.33
N THR A 3 3.11 -4.56 10.34
CA THR A 3 2.14 -5.28 11.26
C THR A 3 0.73 -5.91 10.94
N GLU A 4 -0.13 -5.02 10.40
CA GLU A 4 -1.54 -4.77 10.73
C GLU A 4 -1.86 -3.37 10.21
N GLU A 5 -0.98 -2.84 9.36
CA GLU A 5 -1.27 -1.71 8.47
C GLU A 5 -1.68 -2.24 7.11
N GLY A 6 -2.64 -1.61 6.48
CA GLY A 6 -3.03 -2.08 5.16
C GLY A 6 -2.11 -1.57 4.08
N LEU A 7 -1.74 -2.44 3.13
CA LEU A 7 -0.62 -2.06 2.29
C LEU A 7 -1.02 -0.98 1.30
N PHE A 8 -2.16 -1.18 0.69
CA PHE A 8 -2.67 -0.29 -0.33
C PHE A 8 -3.84 0.55 0.20
N SER A 9 -3.95 0.74 1.54
CA SER A 9 -5.06 1.55 2.07
C SER A 9 -5.07 2.89 1.36
N GLN A 10 -6.27 3.31 0.94
CA GLN A 10 -6.54 4.55 0.20
C GLN A 10 -5.92 4.63 -1.16
N LYS A 11 -5.59 3.53 -1.81
CA LYS A 11 -5.14 3.61 -3.19
C LYS A 11 -6.14 2.93 -4.13
N SER A 12 -6.25 3.38 -5.38
CA SER A 12 -7.23 2.78 -6.30
C SER A 12 -6.56 2.27 -7.57
N PHE A 13 -7.14 1.21 -8.19
CA PHE A 13 -6.41 0.54 -9.28
C PHE A 13 -7.38 0.24 -10.41
N LEU A 14 -6.93 0.46 -11.66
CA LEU A 14 -7.51 -0.24 -12.80
C LEU A 14 -6.68 -1.47 -13.11
N VAL A 15 -7.34 -2.54 -13.58
CA VAL A 15 -6.64 -3.74 -14.02
C VAL A 15 -7.02 -4.03 -15.45
N LEU A 16 -6.03 -3.97 -16.35
CA LEU A 16 -6.27 -3.97 -17.80
C LEU A 16 -5.33 -4.97 -18.46
N GLY A 17 -5.87 -5.62 -19.50
CA GLY A 17 -5.10 -6.48 -20.37
C GLY A 17 -5.00 -7.94 -19.94
N PHE A 18 -5.66 -8.36 -18.86
CA PHE A 18 -5.55 -9.72 -18.39
C PHE A 18 -6.78 -10.54 -18.78
N SER A 19 -6.60 -11.86 -18.80
CA SER A 19 -7.69 -12.81 -18.88
C SER A 19 -8.66 -12.68 -17.72
N ASN A 20 -9.86 -13.25 -17.89
CA ASN A 20 -10.85 -13.23 -16.80
C ASN A 20 -10.29 -13.85 -15.51
N GLU A 21 -9.62 -14.99 -15.64
CA GLU A 21 -9.01 -15.63 -14.48
C GLU A 21 -8.01 -14.72 -13.78
N ASN A 22 -7.01 -14.19 -14.53
CA ASN A 22 -6.01 -13.33 -13.87
C ASN A 22 -6.64 -12.01 -13.42
N GLU A 23 -7.61 -11.50 -14.16
CA GLU A 23 -8.29 -10.30 -13.68
C GLU A 23 -8.87 -10.53 -12.29
N SER A 24 -9.67 -11.58 -12.08
CA SER A 24 -10.25 -11.80 -10.75
C SER A 24 -9.15 -12.09 -9.72
N ASN A 25 -8.12 -12.85 -10.10
CA ASN A 25 -7.02 -13.11 -9.17
C ASN A 25 -6.35 -11.80 -8.72
N ILE A 26 -6.10 -10.85 -9.65
CA ILE A 26 -5.41 -9.59 -9.30
C ILE A 26 -6.32 -8.67 -8.49
N ALA A 27 -7.58 -8.55 -8.90
CA ALA A 27 -8.50 -7.75 -8.11
C ALA A 27 -8.60 -8.30 -6.70
N ASN A 28 -8.65 -9.62 -6.56
CA ASN A 28 -8.78 -10.24 -5.26
C ASN A 28 -7.54 -9.99 -4.39
N ILE A 29 -6.35 -10.11 -4.96
CA ILE A 29 -5.13 -9.79 -4.22
C ILE A 29 -5.06 -8.30 -3.80
N ILE A 30 -5.47 -7.40 -4.70
CA ILE A 30 -5.46 -5.98 -4.37
C ILE A 30 -6.37 -5.70 -3.18
N LYS A 31 -7.60 -6.27 -3.22
CA LYS A 31 -8.59 -6.07 -2.18
C LYS A 31 -8.14 -6.68 -0.86
N GLU A 32 -7.43 -7.80 -0.88
CA GLU A 32 -6.96 -8.33 0.39
C GLU A 32 -5.99 -7.36 1.05
N ASN A 33 -5.34 -6.51 0.26
CA ASN A 33 -4.41 -5.54 0.83
C ASN A 33 -4.97 -4.12 0.93
N ALA A 34 -6.30 -3.97 0.96
CA ALA A 34 -7.03 -2.72 1.17
C ALA A 34 -7.07 -1.78 -0.04
N GLY A 35 -6.74 -2.22 -1.18
CA GLY A 35 -6.87 -1.36 -2.34
C GLY A 35 -8.31 -1.33 -2.92
N LYS A 36 -8.62 -0.31 -3.70
CA LYS A 36 -9.91 -0.15 -4.35
C LYS A 36 -9.83 -0.39 -5.85
N ILE A 37 -10.87 -1.03 -6.37
CA ILE A 37 -11.00 -1.39 -7.77
C ILE A 37 -11.97 -0.45 -8.47
N MET A 38 -11.55 0.19 -9.54
CA MET A 38 -12.42 1.18 -10.15
C MET A 38 -13.08 0.62 -11.41
N SER A 39 -14.15 1.29 -11.85
CA SER A 39 -14.91 0.86 -13.01
C SER A 39 -14.38 1.51 -14.32
N LEU A 40 -14.66 0.83 -15.49
CA LEU A 40 -14.33 1.42 -16.81
C LEU A 40 -15.06 2.75 -17.06
N LEU A 41 -16.21 2.91 -16.41
CA LEU A 41 -17.06 4.08 -16.55
C LEU A 41 -16.88 5.00 -15.33
N SER A 42 -15.87 4.73 -14.47
CA SER A 42 -15.76 5.51 -13.24
C SER A 42 -15.51 6.99 -13.53
N ARG A 43 -15.89 7.77 -12.53
CA ARG A 43 -15.73 9.20 -12.57
C ARG A 43 -14.28 9.63 -12.62
N THR A 44 -13.44 9.03 -11.78
CA THR A 44 -12.12 9.59 -11.53
C THR A 44 -10.95 8.74 -12.03
N VAL A 45 -9.77 9.36 -11.89
CA VAL A 45 -8.50 8.80 -12.31
C VAL A 45 -8.00 7.87 -11.21
N ALA A 46 -7.78 6.59 -11.55
CA ALA A 46 -7.18 5.63 -10.64
C ALA A 46 -5.71 5.96 -10.32
N ASP A 47 -5.28 5.68 -9.07
CA ASP A 47 -3.86 5.81 -8.71
C ASP A 47 -2.96 4.98 -9.61
N TYR A 48 -3.39 3.73 -9.93
CA TYR A 48 -2.56 2.82 -10.70
C TYR A 48 -3.37 2.08 -11.77
N ALA A 49 -2.73 1.87 -12.90
CA ALA A 49 -3.17 0.85 -13.84
C ALA A 49 -2.18 -0.33 -13.75
N VAL A 50 -2.71 -1.52 -13.40
CA VAL A 50 -1.96 -2.77 -13.35
C VAL A 50 -2.10 -3.46 -14.71
N VAL A 51 -0.96 -3.72 -15.38
CA VAL A 51 -0.94 -4.28 -16.75
C VAL A 51 0.02 -5.49 -16.86
N PRO A 52 0.02 -6.25 -17.99
CA PRO A 52 0.96 -7.38 -18.15
C PRO A 52 2.42 -6.98 -18.27
N LEU A 53 3.30 -7.97 -18.20
CA LEU A 53 4.71 -7.60 -18.11
C LEU A 53 5.11 -6.83 -19.35
N LEU A 54 4.54 -7.19 -20.48
CA LEU A 54 4.96 -6.52 -21.71
C LEU A 54 4.06 -5.31 -21.99
N GLY A 55 3.13 -4.99 -21.08
CA GLY A 55 2.23 -3.89 -21.26
C GLY A 55 1.05 -4.29 -22.14
N CYS A 56 0.15 -3.30 -22.33
CA CYS A 56 -1.10 -3.31 -23.12
C CYS A 56 -1.56 -1.85 -23.25
N GLU A 57 -2.73 -1.64 -23.88
CA GLU A 57 -3.28 -0.28 -24.01
C GLU A 57 -3.82 0.36 -22.73
N VAL A 58 -3.34 1.58 -22.39
CA VAL A 58 -3.91 2.29 -21.26
C VAL A 58 -4.43 3.64 -21.79
N GLU A 59 -5.77 3.66 -22.09
CA GLU A 59 -6.46 4.78 -22.74
C GLU A 59 -7.00 5.81 -21.76
N ALA A 60 -7.11 5.47 -20.47
CA ALA A 60 -7.78 6.39 -19.58
C ALA A 60 -6.57 6.86 -18.84
N THR A 61 -6.66 8.08 -18.46
CA THR A 61 -5.67 8.63 -17.59
C THR A 61 -5.61 7.88 -16.28
N VAL A 62 -4.37 7.56 -15.89
CA VAL A 62 -4.07 6.96 -14.59
C VAL A 62 -2.78 7.59 -14.08
N GLY A 63 -2.60 7.45 -12.76
CA GLY A 63 -1.45 7.93 -12.00
C GLY A 63 -0.12 7.38 -12.43
N GLU A 64 0.01 6.03 -12.45
CA GLU A 64 1.23 5.32 -12.86
C GLU A 64 0.78 4.01 -13.50
N VAL A 65 1.40 3.66 -14.63
CA VAL A 65 1.16 2.36 -15.19
C VAL A 65 2.20 1.40 -14.58
N VAL A 66 1.73 0.28 -13.94
CA VAL A 66 2.57 -0.71 -13.23
C VAL A 66 2.13 -2.11 -13.70
N THR A 67 3.03 -3.11 -13.52
CA THR A 67 2.83 -4.47 -13.97
C THR A 67 2.46 -5.31 -12.76
N ASN A 68 1.85 -6.47 -13.03
CA ASN A 68 1.49 -7.34 -11.89
C ASN A 68 2.70 -7.84 -11.16
N THR A 69 3.84 -7.82 -11.84
CA THR A 69 5.09 -8.17 -11.22
C THR A 69 5.41 -7.20 -10.09
N TRP A 70 5.21 -5.91 -10.36
CA TRP A 70 5.29 -4.90 -9.30
C TRP A 70 4.24 -5.17 -8.20
N LEU A 71 2.99 -5.38 -8.62
CA LEU A 71 1.94 -5.58 -7.62
C LEU A 71 2.26 -6.67 -6.63
N VAL A 72 2.55 -7.86 -7.20
CA VAL A 72 2.78 -9.05 -6.43
C VAL A 72 4.04 -8.91 -5.59
N THR A 73 5.08 -8.25 -6.14
CA THR A 73 6.30 -8.09 -5.35
C THR A 73 6.07 -7.25 -4.10
N CYS A 74 5.29 -6.15 -4.26
CA CYS A 74 4.92 -5.31 -3.14
C CYS A 74 4.15 -6.04 -2.11
N ILE A 75 3.17 -6.84 -2.58
CA ILE A 75 2.33 -7.52 -1.61
C ILE A 75 3.11 -8.56 -0.83
N ASP A 76 3.98 -9.32 -1.54
CA ASP A 76 4.82 -10.34 -0.92
C ASP A 76 5.79 -9.77 0.09
N TYR A 77 6.33 -8.57 -0.14
CA TYR A 77 7.29 -8.14 0.89
C TYR A 77 6.69 -7.10 1.85
N GLN A 78 5.37 -6.78 1.71
CA GLN A 78 4.72 -5.80 2.57
C GLN A 78 5.56 -4.55 2.69
N THR A 79 6.02 -4.15 1.50
CA THR A 79 6.87 -3.01 1.29
C THR A 79 6.36 -2.39 -0.01
N LEU A 80 6.28 -1.04 -0.02
CA LEU A 80 5.85 -0.26 -1.20
C LEU A 80 7.05 0.11 -2.03
N PHE A 81 7.42 -0.79 -2.96
CA PHE A 81 8.59 -0.53 -3.79
C PHE A 81 8.26 0.56 -4.78
N ASP A 82 9.25 1.44 -4.99
CA ASP A 82 9.15 2.38 -6.09
C ASP A 82 9.13 1.69 -7.45
N PRO A 83 8.11 1.95 -8.31
CA PRO A 83 8.08 1.28 -9.63
C PRO A 83 9.28 1.51 -10.54
N LYS A 84 9.94 2.63 -10.41
CA LYS A 84 11.14 2.85 -11.18
C LYS A 84 12.38 2.10 -10.63
N SER A 85 12.35 1.49 -9.43
CA SER A 85 13.57 0.91 -8.89
C SER A 85 13.98 -0.42 -9.54
N ASN A 86 13.14 -1.01 -10.40
CA ASN A 86 13.45 -2.29 -11.02
C ASN A 86 12.68 -2.25 -12.31
N PRO A 87 13.38 -2.49 -13.41
CA PRO A 87 12.78 -2.31 -14.73
C PRO A 87 11.65 -3.23 -15.06
N LEU A 88 11.51 -4.32 -14.33
CA LEU A 88 10.38 -5.22 -14.53
C LEU A 88 9.10 -4.78 -13.86
N PHE A 89 9.09 -3.65 -13.12
CA PHE A 89 7.89 -3.17 -12.44
C PHE A 89 6.94 -2.34 -13.31
N THR A 90 7.39 -1.89 -14.48
CA THR A 90 6.67 -1.13 -15.48
C THR A 90 6.86 -1.88 -16.77
N PRO A 91 6.01 -1.67 -17.77
CA PRO A 91 6.13 -2.47 -19.00
C PRO A 91 7.55 -2.52 -19.53
N VAL A 92 7.86 -3.71 -20.03
CA VAL A 92 9.20 -4.05 -20.50
C VAL A 92 9.18 -4.05 -22.02
N PRO A 93 10.08 -3.26 -22.64
CA PRO A 93 10.14 -3.16 -24.11
C PRO A 93 10.67 -4.41 -24.73
N VAL A 94 9.92 -4.96 -25.68
CA VAL A 94 10.33 -6.22 -26.28
C VAL A 94 10.20 -6.12 -27.79
N MET A 95 11.29 -6.43 -28.48
CA MET A 95 11.15 -6.49 -29.91
C MET A 95 10.41 -7.78 -30.22
N THR A 96 9.17 -7.61 -30.62
CA THR A 96 8.28 -8.72 -30.88
C THR A 96 8.83 -9.58 -32.04
N GLY A 97 8.74 -10.92 -31.90
CA GLY A 97 9.11 -11.86 -32.95
C GLY A 97 10.58 -12.31 -33.06
N MET A 98 11.51 -11.75 -32.24
CA MET A 98 12.95 -12.10 -32.25
C MET A 98 13.27 -13.20 -31.22
N THR A 99 14.08 -14.18 -31.61
CA THR A 99 14.47 -15.24 -30.68
C THR A 99 16.00 -15.32 -30.64
N PRO A 100 16.66 -14.27 -30.15
CA PRO A 100 18.13 -14.22 -30.15
C PRO A 100 18.83 -15.15 -29.16
N LEU A 101 18.13 -15.68 -28.16
CA LEU A 101 18.67 -16.59 -27.14
C LEU A 101 18.30 -18.05 -27.43
N GLU A 102 18.00 -18.38 -28.70
CA GLU A 102 17.49 -19.71 -29.05
C GLU A 102 18.37 -20.92 -28.69
N ASP A 103 19.70 -20.80 -28.62
CA ASP A 103 20.57 -21.93 -28.20
C ASP A 103 21.09 -21.84 -26.77
N CYS A 104 20.56 -20.95 -25.97
CA CYS A 104 21.05 -20.70 -24.62
C CYS A 104 20.24 -21.41 -23.54
N VAL A 105 20.90 -21.64 -22.42
CA VAL A 105 20.27 -22.28 -21.27
C VAL A 105 20.63 -21.46 -20.04
N ILE A 106 19.62 -20.90 -19.36
CA ILE A 106 19.89 -19.88 -18.34
C ILE A 106 19.47 -20.42 -16.98
N SER A 107 20.30 -20.15 -15.99
CA SER A 107 19.87 -20.31 -14.61
C SER A 107 19.99 -18.96 -13.92
N PHE A 108 19.07 -18.68 -12.97
CA PHE A 108 19.15 -17.43 -12.25
C PHE A 108 19.64 -17.65 -10.85
N SER A 109 20.30 -16.63 -10.32
CA SER A 109 20.68 -16.64 -8.91
C SER A 109 20.20 -15.33 -8.30
N GLN A 110 19.80 -15.40 -7.04
CA GLN A 110 19.39 -14.25 -6.22
C GLN A 110 18.05 -13.64 -6.67
N CYS A 111 17.28 -14.36 -7.48
CA CYS A 111 15.98 -13.93 -7.95
C CYS A 111 15.00 -14.92 -7.36
N ALA A 112 13.90 -14.41 -6.83
CA ALA A 112 12.97 -15.34 -6.22
C ALA A 112 11.63 -14.88 -6.65
N GLY A 113 10.65 -15.74 -6.41
CA GLY A 113 9.27 -15.34 -6.56
C GLY A 113 8.84 -14.70 -7.88
N ALA A 114 8.05 -13.64 -7.72
CA ALA A 114 7.44 -12.94 -8.84
C ALA A 114 8.45 -12.40 -9.85
N GLU A 115 9.57 -11.85 -9.35
CA GLU A 115 10.65 -11.33 -10.20
C GLU A 115 11.22 -12.43 -11.08
N LYS A 116 11.60 -13.54 -10.42
CA LYS A 116 12.10 -14.72 -11.11
C LYS A 116 11.08 -15.25 -12.10
N GLU A 117 9.80 -15.26 -11.74
CA GLU A 117 8.83 -15.79 -12.68
C GLU A 117 8.79 -14.97 -13.96
N SER A 118 8.82 -13.64 -13.81
CA SER A 118 8.78 -12.74 -14.96
C SER A 118 10.06 -12.79 -15.80
N LEU A 119 11.24 -12.91 -15.15
CA LEU A 119 12.49 -13.03 -15.89
C LEU A 119 12.51 -14.35 -16.72
N THR A 120 11.99 -15.42 -16.13
CA THR A 120 11.87 -16.71 -16.81
C THR A 120 10.93 -16.60 -17.97
N PHE A 121 9.81 -15.90 -17.79
CA PHE A 121 8.91 -15.69 -18.91
C PHE A 121 9.66 -15.05 -20.08
N LEU A 122 10.48 -14.01 -19.77
CA LEU A 122 11.17 -13.25 -20.81
C LEU A 122 12.21 -14.12 -21.52
N ALA A 123 13.01 -14.84 -20.74
CA ALA A 123 13.98 -15.73 -21.37
C ALA A 123 13.27 -16.73 -22.31
N ASN A 124 12.15 -17.35 -21.87
CA ASN A 124 11.45 -18.26 -22.78
C ASN A 124 10.90 -17.54 -23.99
N LEU A 125 10.41 -16.32 -23.80
CA LEU A 125 9.94 -15.60 -24.98
C LEU A 125 11.06 -15.35 -26.00
N LEU A 126 12.28 -15.09 -25.51
CA LEU A 126 13.38 -14.86 -26.45
C LEU A 126 13.96 -16.15 -27.00
N GLY A 127 13.43 -17.30 -26.60
CA GLY A 127 13.72 -18.61 -27.18
C GLY A 127 14.59 -19.53 -26.33
N ALA A 128 15.13 -19.06 -25.19
CA ALA A 128 16.02 -19.80 -24.30
C ALA A 128 15.22 -20.79 -23.43
N SER A 129 15.92 -21.81 -22.95
CA SER A 129 15.43 -22.70 -21.89
C SER A 129 15.94 -22.22 -20.53
N VAL A 130 15.06 -22.22 -19.52
CA VAL A 130 15.48 -21.89 -18.16
C VAL A 130 15.49 -23.12 -17.26
N GLN A 131 16.64 -23.33 -16.62
CA GLN A 131 16.87 -24.45 -15.74
C GLN A 131 17.03 -23.90 -14.32
N GLU A 132 16.35 -24.51 -13.36
CA GLU A 132 16.45 -24.17 -11.94
C GLU A 132 17.87 -24.33 -11.34
N TYR A 133 18.61 -25.39 -11.72
CA TYR A 133 19.92 -25.78 -11.17
C TYR A 133 21.09 -25.40 -12.06
N PHE A 134 22.15 -25.05 -11.42
CA PHE A 134 23.27 -24.63 -12.21
C PHE A 134 24.29 -25.73 -12.27
N VAL A 135 24.43 -26.37 -13.46
CA VAL A 135 25.35 -27.50 -13.69
C VAL A 135 26.15 -27.25 -14.97
N ARG A 136 27.39 -27.82 -15.00
CA ARG A 136 28.33 -27.69 -16.12
C ARG A 136 28.32 -28.82 -17.11
N LYS A 137 27.64 -29.92 -16.85
CA LYS A 137 27.68 -31.04 -17.78
C LYS A 137 26.31 -31.61 -17.97
N SER A 138 25.87 -31.82 -19.21
CA SER A 138 24.55 -32.43 -19.29
C SER A 138 24.67 -33.85 -18.74
N ASN A 139 23.60 -34.37 -18.19
CA ASN A 139 23.61 -35.76 -17.73
C ASN A 139 22.30 -36.41 -18.18
N ALA A 140 22.30 -37.17 -19.23
CA ALA A 140 21.04 -37.73 -19.72
C ALA A 140 20.26 -38.56 -18.69
N LYS A 141 20.98 -39.36 -17.89
CA LYS A 141 20.30 -40.29 -16.98
C LYS A 141 19.48 -39.51 -15.95
N LYS A 142 20.05 -38.40 -15.44
CA LYS A 142 19.43 -37.57 -14.40
C LYS A 142 18.50 -36.47 -14.95
N GLY A 143 18.38 -36.34 -16.27
CA GLY A 143 17.54 -35.37 -16.96
C GLY A 143 17.93 -33.93 -16.81
N MET A 144 19.19 -33.63 -16.53
CA MET A 144 19.63 -32.26 -16.33
C MET A 144 20.41 -31.70 -17.53
N PHE A 145 20.16 -30.44 -17.95
CA PHE A 145 20.97 -29.81 -19.00
C PHE A 145 21.96 -28.78 -18.45
N ALA A 146 23.14 -28.74 -19.03
CA ALA A 146 24.13 -27.76 -18.62
C ALA A 146 23.59 -26.38 -18.95
N SER A 147 23.87 -25.44 -18.07
CA SER A 147 23.41 -24.09 -18.26
C SER A 147 24.48 -23.38 -19.10
N THR A 148 24.07 -22.45 -20.00
CA THR A 148 25.09 -21.66 -20.72
C THR A 148 25.43 -20.32 -20.09
N HIS A 149 24.49 -19.75 -19.29
CA HIS A 149 24.61 -18.40 -18.73
C HIS A 149 23.98 -18.38 -17.32
N LEU A 150 24.60 -17.66 -16.39
CA LEU A 150 24.02 -17.37 -15.08
C LEU A 150 23.64 -15.91 -15.11
N ILE A 151 22.42 -15.56 -14.69
CA ILE A 151 21.98 -14.17 -14.56
C ILE A 151 21.73 -13.90 -13.08
N LEU A 152 22.34 -12.84 -12.57
CA LEU A 152 22.21 -12.62 -11.14
C LEU A 152 22.32 -11.13 -10.79
N LYS A 153 22.33 -10.83 -9.50
CA LYS A 153 22.20 -9.45 -9.18
C LYS A 153 23.44 -8.90 -8.55
N GLU A 154 24.14 -9.69 -7.78
CA GLU A 154 25.29 -9.23 -7.02
C GLU A 154 26.32 -10.36 -7.05
N ARG A 155 27.58 -10.02 -6.81
CA ARG A 155 28.61 -11.07 -6.59
C ARG A 155 28.34 -11.85 -5.29
N GLY A 156 28.43 -13.19 -5.34
CA GLY A 156 28.29 -13.99 -4.12
C GLY A 156 27.29 -15.13 -4.23
N GLY A 157 27.49 -16.14 -3.40
CA GLY A 157 26.52 -17.23 -3.36
C GLY A 157 27.01 -18.45 -4.10
N SER A 158 26.24 -19.53 -3.97
CA SER A 158 26.75 -20.78 -4.51
C SER A 158 26.83 -20.69 -6.04
N LYS A 159 25.78 -20.24 -6.72
CA LYS A 159 25.85 -20.24 -8.19
C LYS A 159 26.86 -19.25 -8.72
N TYR A 160 27.04 -18.10 -8.08
CA TYR A 160 28.13 -17.19 -8.49
C TYR A 160 29.49 -17.85 -8.46
N GLU A 161 29.85 -18.43 -7.30
CA GLU A 161 31.16 -19.11 -7.18
C GLU A 161 31.27 -20.23 -8.19
N ALA A 162 30.19 -20.99 -8.40
CA ALA A 162 30.23 -22.05 -9.41
C ALA A 162 30.48 -21.47 -10.79
N ALA A 163 29.90 -20.33 -11.15
CA ALA A 163 30.15 -19.78 -12.50
C ALA A 163 31.61 -19.33 -12.66
N LYS A 164 32.24 -18.76 -11.60
CA LYS A 164 33.67 -18.43 -11.70
C LYS A 164 34.50 -19.68 -11.81
N LYS A 165 34.22 -20.65 -10.95
CA LYS A 165 35.00 -21.89 -10.92
C LYS A 165 34.89 -22.61 -12.27
N TRP A 166 33.72 -22.64 -12.91
CA TRP A 166 33.59 -23.42 -14.15
C TRP A 166 33.85 -22.55 -15.37
N ASN A 167 34.15 -21.26 -15.13
CA ASN A 167 34.39 -20.30 -16.19
C ASN A 167 33.25 -20.13 -17.24
N LEU A 168 31.98 -19.97 -16.76
CA LEU A 168 30.73 -19.66 -17.50
C LEU A 168 30.33 -18.20 -17.23
N PRO A 169 29.68 -17.55 -18.21
CA PRO A 169 29.36 -16.12 -18.06
C PRO A 169 28.33 -15.79 -16.97
N ALA A 170 28.68 -14.80 -16.10
CA ALA A 170 27.74 -14.35 -15.07
C ALA A 170 27.44 -12.87 -15.34
N VAL A 171 26.17 -12.59 -15.69
CA VAL A 171 25.75 -11.28 -16.20
C VAL A 171 24.58 -10.71 -15.37
N THR A 172 24.36 -9.39 -15.49
CA THR A 172 23.29 -8.70 -14.78
C THR A 172 21.97 -8.88 -15.51
N ILE A 173 20.87 -8.53 -14.82
CA ILE A 173 19.54 -8.73 -15.40
C ILE A 173 19.41 -7.87 -16.67
N ALA A 174 20.14 -6.75 -16.65
CA ALA A 174 20.16 -5.82 -17.78
C ALA A 174 20.53 -6.48 -19.07
N TRP A 175 21.38 -7.48 -19.02
CA TRP A 175 21.76 -8.20 -20.23
C TRP A 175 20.56 -8.79 -20.91
N LEU A 176 19.70 -9.44 -20.11
CA LEU A 176 18.52 -10.11 -20.65
C LEU A 176 17.54 -9.10 -21.17
N LEU A 177 17.37 -7.99 -20.42
CA LEU A 177 16.41 -6.96 -20.80
C LEU A 177 16.81 -6.20 -22.05
N GLU A 178 18.12 -6.08 -22.23
CA GLU A 178 18.69 -5.32 -23.31
C GLU A 178 18.58 -6.11 -24.60
N THR A 179 18.75 -7.40 -24.46
CA THR A 179 18.54 -8.30 -25.57
C THR A 179 17.06 -8.30 -26.01
N ALA A 180 16.15 -8.32 -25.06
CA ALA A 180 14.75 -8.30 -25.43
C ALA A 180 14.36 -7.01 -26.12
N ARG A 181 14.89 -5.90 -25.59
CA ARG A 181 14.57 -4.57 -26.07
C ARG A 181 15.02 -4.37 -27.50
N THR A 182 16.19 -4.93 -27.85
CA THR A 182 16.79 -4.71 -29.17
C THR A 182 16.49 -5.84 -30.16
N GLY A 183 16.11 -7.03 -29.69
CA GLY A 183 15.94 -8.22 -30.52
C GLY A 183 17.22 -8.89 -30.99
N LYS A 184 18.40 -8.46 -30.50
CA LYS A 184 19.70 -9.05 -30.84
C LYS A 184 20.37 -9.53 -29.56
N ARG A 185 21.00 -10.71 -29.60
CA ARG A 185 21.67 -11.21 -28.42
C ARG A 185 22.80 -10.23 -28.00
N ALA A 186 22.68 -9.60 -26.85
CA ALA A 186 23.67 -8.63 -26.39
C ALA A 186 24.98 -9.28 -26.01
N ASP A 187 26.00 -8.42 -25.98
CA ASP A 187 27.39 -8.74 -25.61
C ASP A 187 27.58 -8.94 -24.10
N GLU A 188 27.79 -10.20 -23.72
CA GLU A 188 28.00 -10.57 -22.32
C GLU A 188 29.08 -9.76 -21.60
N SER A 189 30.16 -9.40 -22.30
CA SER A 189 31.27 -8.71 -21.65
C SER A 189 30.97 -7.32 -21.05
N HIS A 190 29.86 -6.71 -21.41
CA HIS A 190 29.46 -5.44 -20.82
C HIS A 190 28.70 -5.58 -19.51
N PHE A 191 28.37 -6.81 -19.12
CA PHE A 191 27.43 -7.09 -18.06
C PHE A 191 27.99 -8.09 -17.05
N LEU A 192 29.29 -8.25 -17.00
CA LEU A 192 29.85 -9.23 -16.10
C LEU A 192 29.53 -8.81 -14.70
N ILE A 193 29.15 -9.78 -13.90
CA ILE A 193 28.75 -9.46 -12.56
C ILE A 193 29.98 -8.84 -11.85
N GLU A 194 31.20 -9.27 -12.22
CA GLU A 194 32.44 -8.81 -11.57
C GLU A 194 32.71 -7.29 -11.73
N ASN A 195 32.06 -6.65 -12.71
CA ASN A 195 32.26 -5.24 -13.06
C ASN A 195 30.98 -4.57 -12.56
N SER A 196 31.04 -4.07 -11.32
CA SER A 196 29.90 -3.58 -10.48
C SER A 196 30.08 -3.98 -9.01
N HIS B 1 18.70 -26.10 0.02
CA HIS B 1 19.66 -27.19 0.29
C HIS B 1 19.63 -28.17 -0.88
N SER B 2 20.44 -27.87 -1.91
CA SER B 2 20.40 -28.67 -3.13
C SER B 2 21.25 -27.94 -4.20
N THR B 3 22.10 -26.95 -3.87
CA THR B 3 22.99 -26.25 -4.88
C THR B 3 22.72 -25.91 -6.39
N GLU B 4 22.41 -27.00 -7.15
CA GLU B 4 22.90 -27.41 -8.46
C GLU B 4 22.63 -28.91 -8.57
N GLU B 5 21.78 -29.43 -7.67
CA GLU B 5 21.10 -30.71 -7.85
C GLU B 5 19.73 -30.48 -8.43
N GLY B 6 19.29 -31.35 -9.31
CA GLY B 6 17.96 -31.16 -9.88
C GLY B 6 16.89 -31.69 -8.95
N LEU B 7 15.79 -30.92 -8.81
CA LEU B 7 14.91 -31.27 -7.70
C LEU B 7 14.12 -32.54 -7.98
N PHE B 8 13.61 -32.63 -9.19
CA PHE B 8 12.79 -33.73 -9.61
C PHE B 8 13.54 -34.64 -10.59
N SER B 9 14.90 -34.63 -10.57
CA SER B 9 15.64 -35.50 -11.48
C SER B 9 15.14 -36.92 -11.32
N GLN B 10 14.92 -37.59 -12.46
CA GLN B 10 14.40 -38.96 -12.57
C GLN B 10 13.02 -39.17 -12.04
N LYS B 11 12.18 -38.14 -11.95
CA LYS B 11 10.79 -38.38 -11.60
C LYS B 11 9.85 -38.02 -12.76
N SER B 12 8.71 -38.67 -12.89
CA SER B 12 7.81 -38.37 -14.02
C SER B 12 6.41 -37.98 -13.53
N PHE B 13 5.71 -37.15 -14.32
CA PHE B 13 4.47 -36.56 -13.80
C PHE B 13 3.40 -36.60 -14.88
N LEU B 14 2.16 -36.94 -14.50
CA LEU B 14 0.99 -36.53 -15.27
C LEU B 14 0.43 -35.25 -14.67
N VAL B 15 -0.14 -34.40 -15.54
CA VAL B 15 -0.81 -33.18 -15.09
C VAL B 15 -2.22 -33.19 -15.60
N LEU B 16 -3.20 -33.24 -14.69
CA LEU B 16 -4.60 -33.51 -15.02
C LEU B 16 -5.49 -32.50 -14.32
N GLY B 17 -6.57 -32.12 -15.04
CA GLY B 17 -7.62 -31.29 -14.48
C GLY B 17 -7.43 -29.79 -14.61
N PHE B 18 -6.36 -29.32 -15.24
CA PHE B 18 -6.10 -27.90 -15.32
C PHE B 18 -6.49 -27.34 -16.70
N SER B 19 -6.71 -26.04 -16.75
CA SER B 19 -6.83 -25.28 -17.98
C SER B 19 -5.57 -25.38 -18.83
N ASN B 20 -5.71 -25.03 -20.12
CA ASN B 20 -4.53 -25.03 -21.00
C ASN B 20 -3.41 -24.13 -20.47
N GLU B 21 -3.77 -22.93 -20.01
CA GLU B 21 -2.79 -22.03 -19.43
C GLU B 21 -2.06 -22.66 -18.25
N ASN B 22 -2.80 -23.14 -17.23
CA ASN B 22 -2.15 -23.71 -16.06
C ASN B 22 -1.44 -25.02 -16.43
N GLU B 23 -2.00 -25.78 -17.35
CA GLU B 23 -1.29 -26.98 -17.77
C GLU B 23 0.11 -26.64 -18.28
N SER B 24 0.24 -25.71 -19.23
CA SER B 24 1.57 -25.35 -19.75
C SER B 24 2.44 -24.73 -18.64
N ASN B 25 1.85 -23.90 -17.78
CA ASN B 25 2.62 -23.32 -16.67
C ASN B 25 3.19 -24.42 -15.76
N ILE B 26 2.38 -25.46 -15.43
CA ILE B 26 2.85 -26.53 -14.52
C ILE B 26 3.88 -27.43 -15.19
N ALA B 27 3.61 -27.82 -16.44
CA ALA B 27 4.60 -28.60 -17.15
C ALA B 27 5.92 -27.86 -17.24
N ASN B 28 5.86 -26.55 -17.51
CA ASN B 28 7.06 -25.76 -17.64
C ASN B 28 7.84 -25.67 -16.31
N ILE B 29 7.14 -25.47 -15.21
CA ILE B 29 7.79 -25.48 -13.90
C ILE B 29 8.42 -26.84 -13.56
N ILE B 30 7.71 -27.93 -13.87
CA ILE B 30 8.25 -29.27 -13.59
C ILE B 30 9.55 -29.49 -14.37
N LYS B 31 9.54 -29.12 -15.66
CA LYS B 31 10.68 -29.30 -16.54
C LYS B 31 11.85 -28.42 -16.10
N GLU B 32 11.60 -27.22 -15.60
CA GLU B 32 12.72 -26.44 -15.12
C GLU B 32 13.44 -27.12 -13.97
N ASN B 33 12.71 -27.98 -13.23
CA ASN B 33 13.33 -28.69 -12.12
C ASN B 33 13.68 -30.14 -12.42
N ALA B 34 13.86 -30.48 -13.70
CA ALA B 34 14.32 -31.78 -14.21
C ALA B 34 13.27 -32.90 -14.17
N GLY B 35 12.06 -32.62 -14.00
CA GLY B 35 11.07 -33.65 -14.07
C GLY B 35 10.64 -34.01 -15.51
N LYS B 36 10.05 -35.16 -15.70
CA LYS B 36 9.55 -35.62 -17.00
C LYS B 36 8.04 -35.62 -17.07
N ILE B 37 7.54 -35.25 -18.24
CA ILE B 37 6.11 -35.13 -18.53
C ILE B 37 5.66 -36.32 -19.37
N MET B 38 4.65 -37.05 -18.93
CA MET B 38 4.29 -38.25 -19.67
C MET B 38 3.03 -38.01 -20.50
N SER B 39 2.80 -38.89 -21.46
CA SER B 39 1.67 -38.78 -22.38
C SER B 39 0.42 -39.54 -21.84
N LEU B 40 -0.80 -39.12 -22.31
CA LEU B 40 -2.05 -39.84 -21.99
C LEU B 40 -2.02 -41.29 -22.49
N LEU B 41 -1.26 -41.53 -23.55
CA LEU B 41 -1.13 -42.82 -24.21
C LEU B 41 0.18 -43.50 -23.79
N SER B 42 0.89 -42.94 -22.77
CA SER B 42 2.21 -43.48 -22.44
C SER B 42 2.11 -44.93 -21.98
N ARG B 43 3.26 -45.58 -22.15
CA ARG B 43 3.41 -46.96 -21.74
C ARG B 43 3.27 -47.17 -20.25
N THR B 44 3.94 -46.32 -19.47
CA THR B 44 4.14 -46.63 -18.05
C THR B 44 3.41 -45.69 -17.09
N VAL B 45 3.52 -46.09 -15.81
CA VAL B 45 2.89 -45.41 -14.69
C VAL B 45 3.80 -44.26 -14.27
N ALA B 46 3.25 -43.04 -14.29
CA ALA B 46 3.96 -41.85 -13.80
C ALA B 46 4.18 -41.90 -12.28
N ASP B 47 5.32 -41.35 -11.81
CA ASP B 47 5.55 -41.21 -10.36
C ASP B 47 4.45 -40.40 -9.68
N TYR B 48 3.99 -39.31 -10.34
CA TYR B 48 3.02 -38.42 -9.72
C TYR B 48 1.95 -38.00 -10.72
N ALA B 49 0.73 -37.88 -10.22
CA ALA B 49 -0.29 -37.10 -10.89
C ALA B 49 -0.48 -35.79 -10.10
N VAL B 50 -0.26 -34.65 -10.79
CA VAL B 50 -0.46 -33.31 -10.27
C VAL B 50 -1.90 -32.86 -10.62
N VAL B 51 -2.70 -32.55 -9.60
CA VAL B 51 -4.12 -32.22 -9.77
C VAL B 51 -4.51 -30.92 -9.04
N PRO B 52 -5.74 -30.36 -9.24
CA PRO B 52 -6.15 -29.14 -8.51
C PRO B 52 -6.35 -29.32 -7.03
N LEU B 53 -6.51 -28.20 -6.32
CA LEU B 53 -6.50 -28.32 -4.86
C LEU B 53 -7.65 -29.23 -4.43
N LEU B 54 -8.77 -29.14 -5.13
CA LEU B 54 -9.91 -29.93 -4.70
C LEU B 54 -9.93 -31.29 -5.39
N GLY B 55 -8.89 -31.58 -6.19
CA GLY B 55 -8.83 -32.84 -6.91
C GLY B 55 -9.63 -32.78 -8.20
N CYS B 56 -9.59 -33.92 -8.93
CA CYS B 56 -10.25 -34.22 -10.22
C CYS B 56 -10.10 -35.72 -10.44
N GLU B 57 -10.59 -36.22 -11.59
CA GLU B 57 -10.46 -37.65 -11.92
C GLU B 57 -9.04 -38.15 -12.25
N VAL B 58 -8.59 -39.20 -11.55
CA VAL B 58 -7.31 -39.81 -11.92
C VAL B 58 -7.59 -41.29 -12.24
N GLU B 59 -7.74 -41.56 -13.57
CA GLU B 59 -8.15 -42.87 -14.11
C GLU B 59 -6.99 -43.79 -14.39
N ALA B 60 -5.75 -43.27 -14.48
CA ALA B 60 -4.69 -44.13 -14.90
C ALA B 60 -4.00 -44.28 -13.58
N THR B 61 -3.43 -45.42 -13.44
CA THR B 61 -2.59 -45.67 -12.32
C THR B 61 -1.42 -44.72 -12.29
N VAL B 62 -1.21 -44.14 -11.10
CA VAL B 62 -0.05 -43.31 -10.81
C VAL B 62 0.42 -43.64 -9.40
N GLY B 63 1.69 -43.27 -9.15
CA GLY B 63 2.39 -43.43 -7.88
C GLY B 63 1.75 -42.76 -6.70
N GLU B 64 1.52 -41.44 -6.79
CA GLU B 64 0.90 -40.62 -5.75
C GLU B 64 0.12 -39.52 -6.45
N VAL B 65 -1.10 -39.26 -5.98
CA VAL B 65 -1.82 -38.10 -6.47
C VAL B 65 -1.46 -36.92 -5.58
N VAL B 66 -0.95 -35.79 -6.17
CA VAL B 66 -0.49 -34.59 -5.46
C VAL B 66 -1.11 -33.37 -6.17
N THR B 67 -1.17 -32.23 -5.43
CA THR B 67 -1.79 -30.99 -5.89
C THR B 67 -0.69 -30.05 -6.31
N ASN B 68 -1.07 -29.05 -7.12
CA ASN B 68 -0.04 -28.08 -7.53
C ASN B 68 0.49 -27.29 -6.38
N THR B 69 -0.29 -27.24 -5.30
CA THR B 69 0.15 -26.60 -4.08
C THR B 69 1.37 -27.32 -3.53
N TRP B 70 1.33 -28.65 -3.52
CA TRP B 70 2.50 -29.45 -3.20
C TRP B 70 3.64 -29.17 -4.20
N LEU B 71 3.33 -29.23 -5.50
CA LEU B 71 4.38 -29.03 -6.50
C LEU B 71 5.16 -27.76 -6.29
N VAL B 72 4.40 -26.66 -6.24
CA VAL B 72 4.97 -25.32 -6.15
C VAL B 72 5.68 -25.14 -4.84
N THR B 73 5.15 -25.70 -3.75
CA THR B 73 5.82 -25.55 -2.47
C THR B 73 7.20 -26.21 -2.46
N CYS B 74 7.28 -27.42 -3.05
CA CYS B 74 8.54 -28.12 -3.19
C CYS B 74 9.52 -27.35 -4.01
N ILE B 75 9.04 -26.80 -5.13
CA ILE B 75 9.98 -26.12 -6.00
C ILE B 75 10.51 -24.86 -5.35
N ASP B 76 9.63 -24.10 -4.67
CA ASP B 76 9.99 -22.86 -3.97
C ASP B 76 10.99 -23.12 -2.85
N TYR B 77 10.88 -24.24 -2.13
CA TYR B 77 11.87 -24.34 -1.05
C TYR B 77 13.02 -25.30 -1.39
N GLN B 78 13.04 -25.84 -2.65
CA GLN B 78 14.10 -26.75 -3.07
C GLN B 78 14.32 -27.82 -2.01
N THR B 79 13.16 -28.33 -1.58
CA THR B 79 13.06 -29.34 -0.57
C THR B 79 11.90 -30.23 -1.06
N LEU B 80 12.10 -31.56 -0.92
CA LEU B 80 11.11 -32.58 -1.28
C LEU B 80 10.22 -32.90 -0.11
N PHE B 81 9.15 -32.11 0.04
CA PHE B 81 8.24 -32.32 1.16
C PHE B 81 7.46 -33.59 0.96
N ASP B 82 7.29 -34.33 2.06
CA ASP B 82 6.35 -35.45 2.05
C ASP B 82 4.91 -34.99 1.81
N PRO B 83 4.22 -35.53 0.79
CA PRO B 83 2.82 -35.10 0.54
C PRO B 83 1.83 -35.29 1.69
N LYS B 84 2.07 -36.25 2.55
CA LYS B 84 1.22 -36.41 3.72
C LYS B 84 1.54 -35.41 4.85
N SER B 85 2.63 -34.61 4.79
CA SER B 85 2.96 -33.77 5.95
C SER B 85 2.08 -32.52 6.08
N ASN B 86 1.22 -32.21 5.09
CA ASN B 86 0.40 -31.01 5.13
C ASN B 86 -0.79 -31.38 4.29
N PRO B 87 -1.97 -31.22 4.86
CA PRO B 87 -3.20 -31.70 4.20
C PRO B 87 -3.55 -31.03 2.91
N LEU B 88 -2.98 -29.87 2.64
CA LEU B 88 -3.19 -29.19 1.37
C LEU B 88 -2.34 -29.71 0.23
N PHE B 89 -1.44 -30.71 0.47
CA PHE B 89 -0.58 -31.25 -0.58
C PHE B 89 -1.23 -32.34 -1.44
N THR B 90 -2.35 -32.89 -1.01
CA THR B 90 -3.15 -33.91 -1.67
C THR B 90 -4.56 -33.35 -1.69
N PRO B 91 -5.43 -33.85 -2.57
CA PRO B 91 -6.77 -33.26 -2.68
C PRO B 91 -7.44 -33.07 -1.33
N VAL B 92 -8.13 -31.95 -1.25
CA VAL B 92 -8.78 -31.47 -0.03
C VAL B 92 -10.27 -31.73 -0.15
N PRO B 93 -10.86 -32.47 0.81
CA PRO B 93 -12.29 -32.80 0.78
C PRO B 93 -13.14 -31.59 1.05
N VAL B 94 -14.07 -31.32 0.15
CA VAL B 94 -14.90 -30.13 0.30
C VAL B 94 -16.35 -30.49 0.08
N MET B 95 -17.19 -30.13 1.06
CA MET B 95 -18.59 -30.31 0.80
C MET B 95 -19.02 -29.24 -0.16
N THR B 96 -19.26 -29.65 -1.38
CA THR B 96 -19.59 -28.75 -2.46
C THR B 96 -20.92 -28.01 -2.15
N GLY B 97 -20.97 -26.71 -2.45
CA GLY B 97 -22.17 -25.89 -2.31
C GLY B 97 -22.49 -25.25 -0.95
N MET B 98 -21.69 -25.51 0.11
CA MET B 98 -21.89 -24.96 1.46
C MET B 98 -21.07 -23.68 1.66
N THR B 99 -21.68 -22.65 2.28
CA THR B 99 -20.96 -21.40 2.55
C THR B 99 -21.08 -21.08 4.04
N PRO B 100 -20.51 -21.94 4.90
CA PRO B 100 -20.64 -21.75 6.36
C PRO B 100 -19.88 -20.58 6.96
N LEU B 101 -18.90 -20.01 6.25
CA LEU B 101 -18.08 -18.87 6.70
C LEU B 101 -18.55 -17.55 6.08
N GLU B 102 -19.81 -17.48 5.63
CA GLU B 102 -20.31 -16.32 4.89
C GLU B 102 -20.22 -14.93 5.58
N ASP B 103 -20.26 -14.84 6.90
CA ASP B 103 -20.11 -13.55 7.60
C ASP B 103 -18.74 -13.32 8.24
N CYS B 104 -17.77 -14.14 7.92
CA CYS B 104 -16.45 -14.09 8.54
C CYS B 104 -15.41 -13.36 7.71
N VAL B 105 -14.40 -12.84 8.39
CA VAL B 105 -13.30 -12.13 7.76
C VAL B 105 -12.00 -12.68 8.34
N ILE B 106 -11.15 -13.28 7.47
CA ILE B 106 -10.02 -14.06 7.99
C ILE B 106 -8.72 -13.38 7.60
N SER B 107 -7.78 -13.35 8.51
CA SER B 107 -6.41 -13.04 8.17
C SER B 107 -5.55 -14.23 8.56
N PHE B 108 -4.48 -14.49 7.78
CA PHE B 108 -3.60 -15.59 8.10
C PHE B 108 -2.30 -15.05 8.66
N SER B 109 -1.69 -15.86 9.52
CA SER B 109 -0.34 -15.56 10.00
C SER B 109 0.49 -16.83 9.79
N GLN B 110 1.77 -16.62 9.46
CA GLN B 110 2.78 -17.66 9.31
C GLN B 110 2.56 -18.54 8.06
N CYS B 111 1.73 -18.09 7.14
CA CYS B 111 1.46 -18.78 5.89
C CYS B 111 1.99 -17.88 4.81
N ALA B 112 2.69 -18.45 3.84
CA ALA B 112 3.25 -17.60 2.82
C ALA B 112 3.03 -18.32 1.54
N GLY B 113 3.24 -17.59 0.45
CA GLY B 113 3.26 -18.22 -0.84
C GLY B 113 2.11 -19.12 -1.26
N ALA B 114 2.50 -20.26 -1.84
CA ALA B 114 1.56 -21.20 -2.40
C ALA B 114 0.54 -21.74 -1.39
N GLU B 115 1.01 -22.03 -0.16
CA GLU B 115 0.15 -22.50 0.93
C GLU B 115 -0.93 -21.48 1.24
N LYS B 116 -0.49 -20.24 1.48
CA LYS B 116 -1.39 -19.12 1.71
C LYS B 116 -2.34 -18.93 0.55
N GLU B 117 -1.86 -19.06 -0.68
CA GLU B 117 -2.77 -18.83 -1.79
C GLU B 117 -3.91 -19.85 -1.79
N SER B 118 -3.57 -21.11 -1.52
CA SER B 118 -4.57 -22.18 -1.50
C SER B 118 -5.53 -22.07 -0.31
N LEU B 119 -5.01 -21.67 0.88
CA LEU B 119 -5.88 -21.48 2.04
C LEU B 119 -6.89 -20.34 1.78
N THR B 120 -6.42 -19.26 1.13
CA THR B 120 -7.27 -18.14 0.75
C THR B 120 -8.31 -18.59 -0.24
N PHE B 121 -7.91 -19.40 -1.21
CA PHE B 121 -8.90 -19.92 -2.15
C PHE B 121 -10.03 -20.62 -1.38
N LEU B 122 -9.65 -21.46 -0.38
CA LEU B 122 -10.64 -22.26 0.35
C LEU B 122 -11.56 -21.37 1.17
N ALA B 123 -10.98 -20.41 1.89
CA ALA B 123 -11.82 -19.50 2.65
C ALA B 123 -12.82 -18.79 1.71
N ASN B 124 -12.37 -18.29 0.55
CA ASN B 124 -13.34 -17.65 -0.36
C ASN B 124 -14.37 -18.64 -0.85
N LEU B 125 -13.95 -19.87 -1.13
CA LEU B 125 -14.96 -20.83 -1.56
C LEU B 125 -16.03 -21.06 -0.49
N LEU B 126 -15.64 -21.06 0.80
CA LEU B 126 -16.63 -21.27 1.84
C LEU B 126 -17.43 -20.01 2.16
N GLY B 127 -17.15 -18.89 1.47
CA GLY B 127 -17.93 -17.66 1.50
C GLY B 127 -17.32 -16.51 2.27
N ALA B 128 -16.18 -16.70 2.95
CA ALA B 128 -15.50 -15.69 3.77
C ALA B 128 -14.72 -14.71 2.87
N SER B 129 -14.46 -13.53 3.42
CA SER B 129 -13.50 -12.57 2.89
C SER B 129 -12.14 -12.74 3.56
N VAL B 130 -11.07 -12.71 2.76
CA VAL B 130 -9.72 -12.75 3.33
C VAL B 130 -9.01 -11.41 3.21
N GLN B 131 -8.52 -10.92 4.34
CA GLN B 131 -7.84 -9.65 4.44
C GLN B 131 -6.38 -9.93 4.81
N GLU B 132 -5.47 -9.29 4.09
CA GLU B 132 -4.02 -9.38 4.35
C GLU B 132 -3.59 -8.90 5.76
N TYR B 133 -4.20 -7.81 6.28
CA TYR B 133 -3.84 -7.15 7.55
C TYR B 133 -4.77 -7.48 8.69
N PHE B 134 -4.20 -7.55 9.84
CA PHE B 134 -5.01 -7.92 10.97
C PHE B 134 -5.34 -6.70 11.77
N VAL B 135 -6.62 -6.24 11.72
CA VAL B 135 -7.11 -5.05 12.41
C VAL B 135 -8.41 -5.36 13.16
N ARG B 136 -8.64 -4.62 14.27
CA ARG B 136 -9.81 -4.79 15.14
C ARG B 136 -10.95 -3.85 14.87
N LYS B 137 -10.79 -2.84 14.04
CA LYS B 137 -11.87 -1.89 13.83
C LYS B 137 -12.03 -1.58 12.37
N SER B 138 -13.22 -1.65 11.81
CA SER B 138 -13.27 -1.25 10.40
C SER B 138 -12.95 0.23 10.32
N ASN B 139 -12.37 0.66 9.23
CA ASN B 139 -12.12 2.10 9.03
C ASN B 139 -12.54 2.45 7.61
N ALA B 140 -13.68 3.03 7.40
CA ALA B 140 -14.12 3.30 6.03
C ALA B 140 -13.16 4.16 5.21
N LYS B 141 -12.56 5.17 5.83
CA LYS B 141 -11.74 6.12 5.08
C LYS B 141 -10.53 5.40 4.47
N LYS B 142 -9.91 4.49 5.26
CA LYS B 142 -8.71 3.75 4.86
C LYS B 142 -9.00 2.44 4.10
N GLY B 143 -10.27 2.09 3.91
CA GLY B 143 -10.72 0.91 3.19
C GLY B 143 -10.39 -0.42 3.82
N MET B 144 -10.21 -0.48 5.13
CA MET B 144 -9.84 -1.70 5.81
C MET B 144 -11.02 -2.33 6.58
N PHE B 145 -11.22 -3.66 6.51
CA PHE B 145 -12.25 -4.31 7.34
C PHE B 145 -11.65 -5.09 8.53
N ALA B 146 -12.33 -5.03 9.65
CA ALA B 146 -11.87 -5.77 10.82
C ALA B 146 -11.94 -7.25 10.50
N SER B 147 -10.97 -7.97 10.98
CA SER B 147 -10.91 -9.40 10.74
C SER B 147 -11.73 -10.07 11.87
N THR B 148 -12.44 -11.18 11.55
CA THR B 148 -13.14 -11.90 12.64
C THR B 148 -12.35 -13.06 13.24
N HIS B 149 -11.39 -13.63 12.46
CA HIS B 149 -10.65 -14.83 12.84
C HIS B 149 -9.20 -14.72 12.33
N LEU B 150 -8.24 -15.18 13.13
CA LEU B 150 -6.85 -15.34 12.71
C LEU B 150 -6.63 -16.83 12.58
N ILE B 151 -6.05 -17.29 11.46
CA ILE B 151 -5.67 -18.70 11.26
C ILE B 151 -4.15 -18.76 11.18
N LEU B 152 -3.54 -19.61 11.99
CA LEU B 152 -2.09 -19.61 12.01
C LEU B 152 -1.55 -21.00 12.38
N LYS B 153 -0.23 -21.08 12.54
CA LYS B 153 0.31 -22.40 12.67
C LYS B 153 0.88 -22.65 14.02
N GLU B 154 1.46 -21.65 14.63
CA GLU B 154 2.16 -21.77 15.90
C GLU B 154 1.86 -20.53 16.72
N ARG B 155 2.03 -20.62 18.04
CA ARG B 155 1.99 -19.41 18.88
C ARG B 155 3.18 -18.48 18.59
N GLY B 156 2.93 -17.17 18.45
CA GLY B 156 4.02 -16.22 18.27
C GLY B 156 3.85 -15.27 17.08
N GLY B 157 4.49 -14.13 17.16
CA GLY B 157 4.46 -13.22 16.04
C GLY B 157 3.51 -12.06 16.25
N SER B 158 3.56 -11.10 15.32
CA SER B 158 2.79 -9.89 15.58
C SER B 158 1.29 -10.22 15.58
N LYS B 159 0.78 -10.94 14.56
CA LYS B 159 -0.67 -11.16 14.52
C LYS B 159 -1.15 -12.04 15.65
N TYR B 160 -0.36 -13.04 16.07
CA TYR B 160 -0.74 -13.82 17.25
C TYR B 160 -0.93 -12.98 18.48
N GLU B 161 0.08 -12.15 18.83
CA GLU B 161 -0.02 -11.28 20.01
C GLU B 161 -1.20 -10.33 19.86
N ALA B 162 -1.40 -9.79 18.64
CA ALA B 162 -2.55 -8.91 18.44
C ALA B 162 -3.86 -9.66 18.68
N ALA B 163 -4.00 -10.92 18.27
CA ALA B 163 -5.27 -11.63 18.51
C ALA B 163 -5.50 -11.87 20.01
N LYS B 164 -4.43 -12.17 20.81
CA LYS B 164 -4.62 -12.28 22.27
C LYS B 164 -5.00 -10.95 22.86
N LYS B 165 -4.27 -9.91 22.48
CA LYS B 165 -4.49 -8.57 23.04
C LYS B 165 -5.92 -8.10 22.72
N TRP B 166 -6.43 -8.35 21.51
CA TRP B 166 -7.76 -7.82 21.18
C TRP B 166 -8.85 -8.84 21.48
N ASN B 167 -8.45 -9.99 22.01
CA ASN B 167 -9.38 -11.07 22.34
C ASN B 167 -10.27 -11.58 21.16
N LEU B 168 -9.66 -11.85 19.97
CA LEU B 168 -10.22 -12.47 18.75
C LEU B 168 -9.70 -13.91 18.62
N PRO B 169 -10.51 -14.81 18.02
CA PRO B 169 -10.12 -16.23 17.96
C PRO B 169 -8.89 -16.52 17.08
N ALA B 170 -7.93 -17.30 17.64
CA ALA B 170 -6.76 -17.72 16.87
C ALA B 170 -6.78 -19.24 16.80
N VAL B 171 -6.96 -19.78 15.58
CA VAL B 171 -7.22 -21.19 15.34
C VAL B 171 -6.22 -21.79 14.35
N THR B 172 -6.11 -23.14 14.34
CA THR B 172 -5.21 -23.85 13.46
C THR B 172 -5.82 -24.00 12.08
N ILE B 173 -4.98 -24.40 11.11
CA ILE B 173 -5.46 -24.50 9.73
C ILE B 173 -6.56 -25.57 9.64
N ALA B 174 -6.46 -26.55 10.55
CA ALA B 174 -7.43 -27.63 10.65
C ALA B 174 -8.85 -27.14 10.81
N TRP B 175 -9.02 -26.02 11.48
CA TRP B 175 -10.34 -25.46 11.64
C TRP B 175 -10.99 -25.19 10.32
N LEU B 176 -10.21 -24.55 9.43
CA LEU B 176 -10.73 -24.17 8.11
C LEU B 176 -11.00 -25.39 7.28
N LEU B 177 -10.07 -26.37 7.35
CA LEU B 177 -10.21 -27.60 6.55
C LEU B 177 -11.36 -28.47 6.98
N GLU B 178 -11.65 -28.41 8.28
CA GLU B 178 -12.66 -29.24 8.89
C GLU B 178 -14.03 -28.70 8.55
N THR B 179 -14.09 -27.39 8.52
CA THR B 179 -15.30 -26.72 8.07
C THR B 179 -15.60 -27.02 6.59
N ALA B 180 -14.56 -26.99 5.76
CA ALA B 180 -14.79 -27.28 4.36
C ALA B 180 -15.25 -28.71 4.15
N ARG B 181 -14.61 -29.62 4.88
CA ARG B 181 -14.86 -31.05 4.77
C ARG B 181 -16.28 -31.41 5.13
N THR B 182 -16.83 -30.73 6.17
CA THR B 182 -18.15 -31.08 6.70
C THR B 182 -19.25 -30.18 6.15
N GLY B 183 -18.93 -29.00 5.60
CA GLY B 183 -19.91 -28.01 5.18
C GLY B 183 -20.59 -27.22 6.30
N LYS B 184 -20.17 -27.37 7.56
CA LYS B 184 -20.72 -26.66 8.72
C LYS B 184 -19.59 -25.89 9.38
N ARG B 185 -19.87 -24.64 9.79
CA ARG B 185 -18.84 -23.86 10.46
C ARG B 185 -18.39 -24.58 11.77
N ALA B 186 -17.16 -25.02 11.84
CA ALA B 186 -16.66 -25.74 13.00
C ALA B 186 -16.51 -24.85 14.22
N ASP B 187 -16.44 -25.52 15.36
CA ASP B 187 -16.27 -24.94 16.70
C ASP B 187 -14.84 -24.47 16.96
N GLU B 188 -14.66 -23.15 16.99
CA GLU B 188 -13.36 -22.53 17.24
C GLU B 188 -12.64 -23.03 18.49
N SER B 189 -13.37 -23.33 19.55
CA SER B 189 -12.74 -23.73 20.81
C SER B 189 -11.93 -25.03 20.79
N HIS B 190 -12.08 -25.86 19.78
CA HIS B 190 -11.27 -27.07 19.64
C HIS B 190 -9.93 -26.82 18.96
N PHE B 191 -9.70 -25.62 18.46
CA PHE B 191 -8.60 -25.32 17.56
C PHE B 191 -7.81 -24.10 18.02
N LEU B 192 -7.91 -23.73 19.27
CA LEU B 192 -7.23 -22.54 19.73
C LEU B 192 -5.75 -22.77 19.58
N ILE B 193 -5.07 -21.75 19.11
CA ILE B 193 -3.66 -21.92 18.87
C ILE B 193 -2.99 -22.22 20.23
N GLU B 194 -3.54 -21.68 21.33
CA GLU B 194 -2.96 -21.83 22.67
C GLU B 194 -2.91 -23.29 23.18
N ASN B 195 -3.72 -24.17 22.59
CA ASN B 195 -3.88 -25.58 22.99
C ASN B 195 -3.16 -26.34 21.88
N SER B 196 -1.87 -26.63 22.11
CA SER B 196 -0.86 -27.15 21.12
C SER B 196 0.51 -26.48 21.35
N LEU C 7 34.79 26.29 21.88
CA LEU C 7 34.52 24.89 21.47
C LEU C 7 34.54 24.57 20.00
N PHE C 8 33.95 25.49 19.24
CA PHE C 8 33.81 25.36 17.81
C PHE C 8 34.82 26.23 17.11
N SER C 9 35.89 26.58 17.84
CA SER C 9 36.98 27.39 17.32
C SER C 9 37.47 26.71 16.03
N GLN C 10 37.75 27.53 14.98
CA GLN C 10 38.19 27.18 13.59
C GLN C 10 37.15 26.35 12.78
N LYS C 11 35.86 26.36 13.11
CA LYS C 11 34.87 25.72 12.28
C LYS C 11 33.98 26.83 11.72
N SER C 12 33.46 26.65 10.51
CA SER C 12 32.61 27.65 9.86
C SER C 12 31.28 27.01 9.48
N PHE C 13 30.18 27.80 9.41
CA PHE C 13 28.81 27.27 9.26
C PHE C 13 27.97 28.09 8.26
N LEU C 14 27.16 27.44 7.40
CA LEU C 14 25.98 28.03 6.76
C LEU C 14 24.75 27.68 7.61
N VAL C 15 23.74 28.54 7.63
CA VAL C 15 22.46 28.29 8.32
C VAL C 15 21.34 28.44 7.31
N LEU C 16 20.57 27.36 7.05
CA LEU C 16 19.65 27.33 5.90
C LEU C 16 18.25 26.82 6.23
N GLY C 17 17.25 27.39 5.56
CA GLY C 17 15.90 26.85 5.62
C GLY C 17 15.01 27.35 6.73
N PHE C 18 15.49 28.28 7.55
CA PHE C 18 14.77 28.79 8.70
C PHE C 18 14.11 30.16 8.44
N SER C 19 13.12 30.53 9.29
CA SER C 19 12.64 31.91 9.31
C SER C 19 13.80 32.83 9.68
N ASN C 20 13.63 34.12 9.39
CA ASN C 20 14.67 35.12 9.68
C ASN C 20 15.13 35.14 11.15
N GLU C 21 14.15 35.12 12.05
CA GLU C 21 14.41 35.09 13.48
C GLU C 21 15.26 33.88 13.93
N ASN C 22 14.83 32.65 13.54
CA ASN C 22 15.50 31.41 13.98
C ASN C 22 16.93 31.33 13.42
N GLU C 23 17.12 31.80 12.18
CA GLU C 23 18.44 31.89 11.55
C GLU C 23 19.39 32.73 12.41
N SER C 24 18.93 33.94 12.81
CA SER C 24 19.77 34.82 13.62
C SER C 24 20.06 34.17 14.97
N ASN C 25 19.06 33.51 15.56
CA ASN C 25 19.26 32.83 16.83
C ASN C 25 20.36 31.72 16.78
N ILE C 26 20.34 30.91 15.70
CA ILE C 26 21.30 29.79 15.57
C ILE C 26 22.72 30.34 15.29
N ALA C 27 22.82 31.36 14.41
CA ALA C 27 24.12 31.99 14.16
C ALA C 27 24.74 32.50 15.47
N ASN C 28 23.91 33.07 16.36
CA ASN C 28 24.45 33.60 17.63
C ASN C 28 25.01 32.49 18.54
N ILE C 29 24.30 31.35 18.66
CA ILE C 29 24.78 30.19 19.46
C ILE C 29 26.13 29.66 18.94
N ILE C 30 26.23 29.61 17.61
CA ILE C 30 27.46 29.18 16.92
C ILE C 30 28.62 30.11 17.27
N LYS C 31 28.38 31.45 17.24
CA LYS C 31 29.45 32.40 17.53
C LYS C 31 29.91 32.30 18.97
N GLU C 32 28.99 32.03 19.91
CA GLU C 32 29.42 31.85 21.30
C GLU C 32 30.34 30.66 21.49
N ASN C 33 30.30 29.64 20.62
CA ASN C 33 31.24 28.54 20.85
C ASN C 33 32.47 28.60 19.92
N ALA C 34 32.77 29.82 19.44
CA ALA C 34 33.90 30.31 18.61
C ALA C 34 33.82 29.95 17.13
N GLY C 35 32.66 29.51 16.62
CA GLY C 35 32.53 29.25 15.20
C GLY C 35 32.21 30.53 14.42
N LYS C 36 32.50 30.50 13.10
CA LYS C 36 32.27 31.60 12.15
C LYS C 36 31.11 31.33 11.17
N ILE C 37 30.29 32.37 10.86
CA ILE C 37 29.08 32.33 9.99
C ILE C 37 29.30 32.98 8.62
N MET C 38 28.94 32.28 7.56
CA MET C 38 29.21 32.64 6.17
C MET C 38 28.00 33.22 5.39
N SER C 39 28.30 33.83 4.23
CA SER C 39 27.42 34.53 3.30
C SER C 39 26.78 33.72 2.17
N LEU C 40 25.64 34.27 1.69
CA LEU C 40 24.95 33.84 0.46
C LEU C 40 25.88 34.04 -0.75
N LEU C 41 25.63 33.27 -1.85
CA LEU C 41 26.48 33.15 -3.07
C LEU C 41 27.91 32.81 -2.65
N SER C 42 27.95 32.53 -1.35
CA SER C 42 28.95 32.26 -0.33
C SER C 42 30.41 32.47 -0.65
N ARG C 43 31.11 32.61 0.46
CA ARG C 43 32.54 32.74 0.57
C ARG C 43 33.07 31.38 0.03
N THR C 44 33.49 30.51 0.95
CA THR C 44 34.23 29.26 0.77
C THR C 44 33.25 28.18 1.18
N VAL C 45 33.63 26.93 1.02
CA VAL C 45 32.66 25.92 1.39
C VAL C 45 32.81 25.79 2.90
N ALA C 46 31.70 25.99 3.60
CA ALA C 46 31.64 25.81 5.04
C ALA C 46 31.87 24.38 5.49
N ASP C 47 32.55 24.27 6.64
CA ASP C 47 32.79 22.99 7.34
C ASP C 47 31.45 22.28 7.65
N TYR C 48 30.41 23.02 8.07
CA TYR C 48 29.12 22.44 8.45
C TYR C 48 28.04 23.35 7.85
N ALA C 49 26.94 22.76 7.35
CA ALA C 49 25.64 23.43 7.12
C ALA C 49 24.57 22.96 8.14
N VAL C 50 24.01 23.88 8.93
CA VAL C 50 22.94 23.56 9.87
C VAL C 50 21.57 23.74 9.21
N VAL C 51 20.75 22.68 9.22
CA VAL C 51 19.47 22.71 8.50
C VAL C 51 18.38 22.27 9.47
N PRO C 52 17.07 22.39 9.11
CA PRO C 52 16.01 21.91 10.00
C PRO C 52 16.05 20.38 10.10
N LEU C 53 15.27 19.84 11.04
CA LEU C 53 15.36 18.42 11.32
C LEU C 53 15.00 17.57 10.11
N LEU C 54 14.02 18.01 9.33
CA LEU C 54 13.49 17.25 8.21
C LEU C 54 14.26 17.51 6.95
N GLY C 55 15.32 18.29 7.07
CA GLY C 55 16.13 18.65 5.93
C GLY C 55 15.49 19.79 5.17
N CYS C 56 16.18 20.21 4.13
CA CYS C 56 15.77 21.30 3.27
C CYS C 56 16.70 21.26 2.07
N GLU C 57 16.55 22.24 1.20
CA GLU C 57 17.40 22.39 0.02
C GLU C 57 18.84 22.77 0.44
N VAL C 58 19.86 22.05 -0.07
CA VAL C 58 21.27 22.40 0.18
C VAL C 58 21.89 22.62 -1.20
N GLU C 59 22.01 23.93 -1.57
CA GLU C 59 22.40 24.37 -2.91
C GLU C 59 23.91 24.42 -3.12
N ALA C 60 24.68 24.42 -2.03
CA ALA C 60 26.11 24.59 -2.15
C ALA C 60 26.73 23.28 -1.72
N THR C 61 27.87 22.98 -2.31
CA THR C 61 28.68 21.92 -1.78
C THR C 61 29.03 22.38 -0.35
N VAL C 62 28.86 21.52 0.64
CA VAL C 62 29.22 21.85 2.02
C VAL C 62 29.87 20.67 2.70
N GLY C 63 30.54 20.96 3.83
CA GLY C 63 31.20 19.91 4.60
C GLY C 63 30.37 18.77 5.14
N GLU C 64 29.37 19.01 5.98
CA GLU C 64 28.51 17.94 6.50
C GLU C 64 27.21 18.65 6.66
N VAL C 65 26.14 18.01 6.22
CA VAL C 65 24.82 18.57 6.45
C VAL C 65 24.40 18.03 7.81
N VAL C 66 24.07 18.96 8.75
CA VAL C 66 23.77 18.64 10.15
C VAL C 66 22.50 19.40 10.54
N THR C 67 21.86 18.94 11.61
CA THR C 67 20.60 19.54 12.04
C THR C 67 20.85 20.42 13.25
N ASN C 68 19.88 21.30 13.53
CA ASN C 68 19.99 22.13 14.73
C ASN C 68 19.98 21.29 15.98
N THR C 69 19.43 20.10 15.87
CA THR C 69 19.46 19.13 16.95
C THR C 69 20.89 18.72 17.28
N TRP C 70 21.69 18.47 16.23
CA TRP C 70 23.11 18.22 16.44
C TRP C 70 23.79 19.39 17.15
N LEU C 71 23.58 20.62 16.66
CA LEU C 71 24.23 21.79 17.25
C LEU C 71 23.98 21.88 18.77
N VAL C 72 22.70 21.86 19.17
CA VAL C 72 22.40 22.01 20.58
C VAL C 72 22.93 20.82 21.40
N THR C 73 22.89 19.59 20.85
CA THR C 73 23.42 18.45 21.62
C THR C 73 24.93 18.59 21.84
N CYS C 74 25.65 19.06 20.81
CA CYS C 74 27.09 19.31 20.96
C CYS C 74 27.35 20.33 22.05
N ILE C 75 26.55 21.41 22.07
CA ILE C 75 26.76 22.46 23.06
C ILE C 75 26.37 22.02 24.48
N ASP C 76 25.26 21.26 24.59
CA ASP C 76 24.77 20.73 25.88
C ASP C 76 25.74 19.79 26.58
N TYR C 77 26.45 18.95 25.82
CA TYR C 77 27.38 18.01 26.44
C TYR C 77 28.81 18.51 26.24
N GLN C 78 28.97 19.73 25.69
CA GLN C 78 30.28 20.36 25.44
C GLN C 78 31.25 19.39 24.75
N THR C 79 30.75 18.64 23.74
CA THR C 79 31.49 17.60 23.02
C THR C 79 31.11 17.71 21.54
N LEU C 80 32.09 17.57 20.62
CA LEU C 80 31.81 17.62 19.17
C LEU C 80 31.54 16.19 18.68
N PHE C 81 30.25 15.79 18.75
CA PHE C 81 29.76 14.47 18.34
C PHE C 81 29.88 14.32 16.85
N ASP C 82 30.25 13.13 16.43
CA ASP C 82 30.19 12.77 15.02
C ASP C 82 28.75 12.83 14.51
N PRO C 83 28.46 13.55 13.42
CA PRO C 83 27.07 13.58 12.90
C PRO C 83 26.49 12.21 12.55
N LYS C 84 27.34 11.26 12.19
CA LYS C 84 26.92 9.90 11.88
C LYS C 84 26.56 9.05 13.11
N SER C 85 26.84 9.52 14.36
CA SER C 85 26.63 8.72 15.60
C SER C 85 25.19 8.63 16.12
N ASN C 86 24.27 9.37 15.53
CA ASN C 86 22.87 9.46 15.92
C ASN C 86 22.07 9.91 14.72
N PRO C 87 21.00 9.23 14.41
CA PRO C 87 20.27 9.58 13.20
C PRO C 87 19.60 10.96 13.25
N LEU C 88 19.42 11.56 14.43
CA LEU C 88 18.86 12.92 14.50
C LEU C 88 19.85 14.04 14.24
N PHE C 89 21.11 13.73 14.03
CA PHE C 89 22.13 14.72 13.77
C PHE C 89 22.20 15.10 12.31
N THR C 90 21.55 14.35 11.44
CA THR C 90 21.45 14.57 10.01
C THR C 90 19.99 14.54 9.60
N PRO C 91 19.64 15.08 8.43
CA PRO C 91 18.23 15.13 8.02
C PRO C 91 17.54 13.77 8.14
N VAL C 92 16.29 13.81 8.58
CA VAL C 92 15.47 12.65 8.86
C VAL C 92 14.48 12.47 7.72
N PRO C 93 14.46 11.32 7.05
CA PRO C 93 13.53 11.11 5.93
C PRO C 93 12.12 10.98 6.44
N VAL C 94 11.24 11.76 5.84
CA VAL C 94 9.85 11.75 6.28
C VAL C 94 9.01 11.65 5.05
N MET C 95 8.13 10.68 5.07
CA MET C 95 7.17 10.58 3.99
C MET C 95 6.14 11.66 4.28
N THR C 96 6.17 12.71 3.46
CA THR C 96 5.33 13.88 3.67
C THR C 96 3.84 13.54 3.59
N GLY C 97 3.09 14.10 4.52
CA GLY C 97 1.65 13.96 4.50
C GLY C 97 1.13 12.71 5.13
N MET C 98 2.02 11.80 5.55
CA MET C 98 1.61 10.54 6.15
C MET C 98 1.59 10.63 7.65
N THR C 99 0.51 10.08 8.20
CA THR C 99 0.21 10.00 9.63
C THR C 99 -0.06 8.58 10.09
N PRO C 100 0.96 7.71 10.06
CA PRO C 100 0.75 6.27 10.37
C PRO C 100 0.48 5.94 11.81
N LEU C 101 0.79 6.82 12.75
CA LEU C 101 0.57 6.62 14.17
C LEU C 101 -0.67 7.36 14.74
N GLU C 102 -1.63 7.71 13.90
CA GLU C 102 -2.76 8.51 14.39
C GLU C 102 -3.51 7.92 15.59
N ASP C 103 -3.52 6.59 15.81
CA ASP C 103 -4.20 6.07 17.01
C ASP C 103 -3.26 5.76 18.18
N CYS C 104 -2.02 6.18 18.11
CA CYS C 104 -1.03 5.85 19.15
C CYS C 104 -0.80 6.95 20.18
N VAL C 105 -0.35 6.52 21.35
CA VAL C 105 -0.07 7.36 22.50
C VAL C 105 1.29 6.97 23.00
N ILE C 106 2.23 7.88 22.96
CA ILE C 106 3.62 7.47 23.17
C ILE C 106 4.14 8.09 24.43
N SER C 107 4.90 7.36 25.19
CA SER C 107 5.70 8.04 26.20
C SER C 107 7.16 7.72 25.94
N PHE C 108 8.09 8.66 26.23
CA PHE C 108 9.51 8.36 26.02
C PHE C 108 10.19 8.11 27.33
N SER C 109 11.21 7.25 27.28
CA SER C 109 12.10 6.99 28.40
C SER C 109 13.53 7.08 27.95
N GLN C 110 14.38 7.56 28.86
CA GLN C 110 15.83 7.62 28.69
C GLN C 110 16.23 8.64 27.63
N CYS C 111 15.32 9.55 27.29
CA CYS C 111 15.58 10.58 26.31
C CYS C 111 15.51 11.93 27.00
N ALA C 112 16.46 12.79 26.66
CA ALA C 112 16.53 14.11 27.27
C ALA C 112 16.85 15.18 26.23
N GLY C 113 16.61 16.42 26.67
CA GLY C 113 17.01 17.62 25.95
C GLY C 113 16.55 17.68 24.50
N ALA C 114 17.48 18.11 23.67
CA ALA C 114 17.21 18.28 22.26
C ALA C 114 16.75 16.97 21.60
N GLU C 115 17.33 15.83 22.01
CA GLU C 115 16.93 14.54 21.47
C GLU C 115 15.45 14.27 21.70
N LYS C 116 15.01 14.40 22.97
CA LYS C 116 13.59 14.26 23.38
C LYS C 116 12.68 15.27 22.64
N GLU C 117 13.14 16.52 22.45
CA GLU C 117 12.32 17.51 21.72
C GLU C 117 12.08 17.09 20.29
N SER C 118 13.14 16.60 19.63
CA SER C 118 13.04 16.20 18.23
C SER C 118 12.21 14.96 18.04
N LEU C 119 12.37 13.99 18.97
CA LEU C 119 11.58 12.78 18.91
C LEU C 119 10.12 13.11 19.09
N THR C 120 9.83 14.03 20.00
CA THR C 120 8.45 14.45 20.19
C THR C 120 7.92 15.12 18.94
N PHE C 121 8.74 15.98 18.31
CA PHE C 121 8.27 16.60 17.07
C PHE C 121 7.86 15.54 16.07
N LEU C 122 8.69 14.52 15.90
CA LEU C 122 8.42 13.52 14.89
C LEU C 122 7.17 12.73 15.24
N ALA C 123 7.03 12.33 16.50
CA ALA C 123 5.82 11.58 16.86
C ALA C 123 4.56 12.36 16.53
N ASN C 124 4.53 13.64 16.91
CA ASN C 124 3.32 14.41 16.63
C ASN C 124 3.11 14.58 15.15
N LEU C 125 4.19 14.84 14.39
CA LEU C 125 4.01 15.00 12.95
C LEU C 125 3.36 13.79 12.30
N LEU C 126 3.69 12.60 12.78
CA LEU C 126 3.10 11.37 12.28
C LEU C 126 1.73 11.06 12.88
N GLY C 127 1.24 11.89 13.80
CA GLY C 127 -0.12 11.78 14.27
C GLY C 127 -0.26 11.21 15.65
N ALA C 128 0.84 10.78 16.24
CA ALA C 128 0.66 10.23 17.56
C ALA C 128 0.53 11.42 18.50
N SER C 129 -0.11 11.21 19.64
CA SER C 129 -0.08 12.15 20.77
C SER C 129 1.01 11.72 21.76
N VAL C 130 1.83 12.65 22.24
CA VAL C 130 2.85 12.31 23.23
C VAL C 130 2.54 12.84 24.65
N GLN C 131 2.54 11.96 25.64
CA GLN C 131 2.27 12.29 27.05
C GLN C 131 3.55 12.09 27.84
N GLU C 132 3.83 13.04 28.69
CA GLU C 132 4.98 12.90 29.56
C GLU C 132 4.89 11.62 30.44
N TYR C 133 3.68 11.29 30.92
CA TYR C 133 3.56 10.14 31.82
C TYR C 133 3.03 8.95 31.04
N PHE C 134 3.49 7.80 31.48
CA PHE C 134 3.19 6.52 30.87
C PHE C 134 2.07 5.86 31.63
N VAL C 135 0.86 5.71 31.04
CA VAL C 135 -0.20 5.15 31.87
C VAL C 135 -0.99 4.01 31.25
N ARG C 136 -1.53 3.12 32.12
CA ARG C 136 -2.29 2.02 31.53
C ARG C 136 -3.79 2.16 31.52
N LYS C 137 -4.39 3.15 32.17
CA LYS C 137 -5.85 3.21 32.16
C LYS C 137 -6.18 4.67 31.92
N SER C 138 -7.11 4.99 31.00
CA SER C 138 -7.38 6.42 30.83
C SER C 138 -8.04 6.88 32.13
N ASN C 139 -7.82 8.14 32.48
CA ASN C 139 -8.40 8.80 33.67
C ASN C 139 -8.96 10.20 33.37
N ALA C 140 -10.28 10.37 33.22
CA ALA C 140 -10.79 11.71 32.87
C ALA C 140 -10.38 12.81 33.90
N LYS C 141 -10.46 12.51 35.20
CA LYS C 141 -10.19 13.56 36.19
C LYS C 141 -8.74 14.06 36.13
N LYS C 142 -7.73 13.16 35.97
CA LYS C 142 -6.36 13.69 35.95
C LYS C 142 -5.89 14.08 34.58
N GLY C 143 -6.77 13.86 33.57
CA GLY C 143 -6.60 14.15 32.14
C GLY C 143 -5.58 13.36 31.34
N MET C 144 -5.29 12.13 31.75
CA MET C 144 -4.36 11.19 31.12
C MET C 144 -5.11 10.05 30.42
N PHE C 145 -4.60 9.73 29.22
CA PHE C 145 -5.00 8.65 28.33
C PHE C 145 -4.06 7.46 28.39
N ALA C 146 -4.63 6.26 28.22
CA ALA C 146 -3.80 5.05 28.25
C ALA C 146 -2.75 5.10 27.16
N SER C 147 -1.51 4.64 27.49
CA SER C 147 -0.44 4.64 26.50
C SER C 147 -0.45 3.35 25.68
N THR C 148 -0.14 3.49 24.40
CA THR C 148 0.05 2.37 23.51
C THR C 148 1.48 1.93 23.29
N HIS C 149 2.46 2.83 23.44
CA HIS C 149 3.84 2.54 23.10
C HIS C 149 4.82 3.19 24.04
N LEU C 150 5.87 2.49 24.40
CA LEU C 150 7.00 3.09 25.08
C LEU C 150 8.16 3.15 24.08
N ILE C 151 8.78 4.29 23.94
CA ILE C 151 9.97 4.38 23.11
C ILE C 151 11.13 4.73 24.02
N LEU C 152 12.18 3.91 23.91
CA LEU C 152 13.33 4.01 24.78
C LEU C 152 14.54 3.46 24.05
N LYS C 153 15.67 3.41 24.82
CA LYS C 153 17.04 3.07 24.41
C LYS C 153 17.64 1.79 25.03
N GLU C 154 17.29 1.41 26.26
CA GLU C 154 17.91 0.31 27.02
C GLU C 154 16.89 -0.56 27.77
N ARG C 155 17.28 -1.80 28.08
CA ARG C 155 16.48 -2.64 28.97
C ARG C 155 16.57 -1.86 30.30
N GLY C 156 15.46 -1.63 31.02
CA GLY C 156 15.64 -0.99 32.33
C GLY C 156 14.83 0.29 32.66
N GLY C 157 14.61 0.52 33.95
CA GLY C 157 13.93 1.74 34.33
C GLY C 157 12.46 1.52 34.70
N SER C 158 11.84 2.59 35.19
CA SER C 158 10.49 2.46 35.70
C SER C 158 9.54 2.11 34.56
N LYS C 159 9.64 2.89 33.49
CA LYS C 159 8.72 2.72 32.41
C LYS C 159 8.93 1.38 31.70
N TYR C 160 10.18 0.92 31.59
CA TYR C 160 10.42 -0.41 31.00
C TYR C 160 9.61 -1.48 31.71
N GLU C 161 9.77 -1.52 33.04
CA GLU C 161 9.12 -2.49 33.91
C GLU C 161 7.62 -2.37 33.78
N ALA C 162 7.12 -1.13 33.71
CA ALA C 162 5.70 -0.94 33.54
C ALA C 162 5.20 -1.56 32.23
N ALA C 163 5.97 -1.41 31.15
CA ALA C 163 5.48 -1.92 29.88
C ALA C 163 5.36 -3.42 29.95
N LYS C 164 6.31 -4.05 30.64
CA LYS C 164 6.24 -5.50 30.86
C LYS C 164 5.03 -5.89 31.70
N LYS C 165 4.79 -5.19 32.83
CA LYS C 165 3.65 -5.56 33.69
C LYS C 165 2.34 -5.41 32.93
N TRP C 166 2.22 -4.37 32.11
CA TRP C 166 0.99 -4.02 31.40
C TRP C 166 0.87 -4.64 30.02
N ASN C 167 1.88 -5.40 29.60
CA ASN C 167 1.98 -6.02 28.29
C ASN C 167 1.90 -4.99 27.15
N LEU C 168 2.63 -3.91 27.33
CA LEU C 168 2.67 -2.96 26.25
C LEU C 168 4.03 -3.00 25.55
N PRO C 169 4.05 -2.76 24.23
CA PRO C 169 5.31 -2.83 23.52
C PRO C 169 6.27 -1.76 23.96
N ALA C 170 7.50 -2.15 24.21
CA ALA C 170 8.57 -1.20 24.56
C ALA C 170 9.57 -1.38 23.41
N VAL C 171 9.75 -0.31 22.62
CA VAL C 171 10.46 -0.41 21.36
C VAL C 171 11.61 0.61 21.27
N THR C 172 12.53 0.36 20.33
CA THR C 172 13.67 1.23 20.10
C THR C 172 13.30 2.48 19.28
N ILE C 173 14.21 3.48 19.29
CA ILE C 173 13.95 4.73 18.55
C ILE C 173 13.85 4.44 17.07
N ALA C 174 14.56 3.38 16.65
CA ALA C 174 14.56 2.94 15.26
C ALA C 174 13.16 2.69 14.76
N TRP C 175 12.28 2.25 15.69
CA TRP C 175 10.90 2.02 15.34
C TRP C 175 10.25 3.31 14.80
N LEU C 176 10.47 4.40 15.51
CA LEU C 176 9.83 5.65 15.08
C LEU C 176 10.43 6.17 13.76
N LEU C 177 11.78 6.09 13.62
CA LEU C 177 12.42 6.64 12.42
C LEU C 177 12.05 5.86 11.17
N GLU C 178 11.81 4.56 11.33
CA GLU C 178 11.44 3.71 10.21
C GLU C 178 9.99 3.96 9.84
N THR C 179 9.16 4.21 10.84
CA THR C 179 7.80 4.57 10.54
C THR C 179 7.73 5.88 9.77
N ALA C 180 8.54 6.85 10.18
CA ALA C 180 8.55 8.14 9.52
C ALA C 180 9.01 8.04 8.09
N ARG C 181 10.06 7.23 7.92
CA ARG C 181 10.69 7.03 6.63
C ARG C 181 9.74 6.42 5.63
N THR C 182 8.87 5.48 6.07
CA THR C 182 7.99 4.74 5.14
C THR C 182 6.55 5.26 5.06
N GLY C 183 6.08 6.01 6.06
CA GLY C 183 4.69 6.40 6.17
C GLY C 183 3.73 5.30 6.60
N LYS C 184 4.23 4.12 6.97
CA LYS C 184 3.44 3.00 7.45
C LYS C 184 3.95 2.61 8.83
N ARG C 185 3.03 2.26 9.68
CA ARG C 185 3.38 1.83 11.02
C ARG C 185 4.31 0.62 11.02
N ALA C 186 5.50 0.78 11.53
CA ALA C 186 6.35 -0.39 11.47
C ALA C 186 5.87 -1.48 12.40
N ASP C 187 6.28 -2.72 12.11
CA ASP C 187 5.92 -3.85 12.97
C ASP C 187 6.76 -3.75 14.25
N GLU C 188 6.13 -3.42 15.38
CA GLU C 188 6.81 -3.27 16.68
C GLU C 188 7.63 -4.52 17.03
N SER C 189 7.11 -5.70 16.65
CA SER C 189 7.70 -7.00 16.97
C SER C 189 9.09 -7.22 16.35
N HIS C 190 9.50 -6.44 15.30
CA HIS C 190 10.84 -6.45 14.70
C HIS C 190 11.82 -5.55 15.45
N PHE C 191 11.37 -4.75 16.42
CA PHE C 191 12.17 -3.70 17.07
C PHE C 191 12.06 -3.75 18.57
N LEU C 192 11.63 -4.86 19.14
CA LEU C 192 11.44 -4.89 20.58
C LEU C 192 12.73 -4.65 21.33
N ILE C 193 12.63 -3.91 22.44
CA ILE C 193 13.82 -3.55 23.24
C ILE C 193 14.50 -4.82 23.75
N GLU C 194 13.68 -5.87 24.00
CA GLU C 194 14.03 -7.21 24.53
C GLU C 194 14.97 -7.99 23.60
N ASN C 195 15.05 -7.61 22.32
CA ASN C 195 15.82 -8.30 21.29
C ASN C 195 17.05 -7.49 20.90
N SER C 196 17.40 -6.48 21.68
CA SER C 196 18.43 -5.53 21.29
C SER C 196 19.83 -5.91 21.85
N LEU D 7 -26.49 29.94 -26.26
CA LEU D 7 -27.05 30.12 -24.89
C LEU D 7 -26.53 31.26 -24.06
N PHE D 8 -25.22 31.42 -24.14
CA PHE D 8 -24.50 32.43 -23.38
C PHE D 8 -24.14 33.58 -24.29
N SER D 9 -24.87 33.71 -25.39
CA SER D 9 -24.70 34.79 -26.35
C SER D 9 -24.76 36.12 -25.57
N GLN D 10 -23.85 37.06 -25.90
CA GLN D 10 -23.62 38.42 -25.29
C GLN D 10 -23.17 38.39 -23.81
N LYS D 11 -22.61 37.30 -23.29
CA LYS D 11 -22.06 37.31 -21.95
C LYS D 11 -20.56 37.13 -22.11
N SER D 12 -19.76 37.71 -21.21
CA SER D 12 -18.30 37.62 -21.25
C SER D 12 -17.79 37.07 -19.93
N PHE D 13 -16.63 36.39 -19.93
CA PHE D 13 -16.13 35.63 -18.76
C PHE D 13 -14.61 35.82 -18.54
N LEU D 14 -14.14 35.97 -17.28
CA LEU D 14 -12.77 35.68 -16.86
C LEU D 14 -12.75 34.25 -16.31
N VAL D 15 -11.63 33.54 -16.44
CA VAL D 15 -11.42 32.20 -15.86
C VAL D 15 -10.19 32.23 -14.99
N LEU D 16 -10.34 31.97 -13.67
CA LEU D 16 -9.27 32.25 -12.70
C LEU D 16 -8.98 31.10 -11.74
N GLY D 17 -7.71 30.95 -11.38
CA GLY D 17 -7.34 30.04 -10.30
C GLY D 17 -7.07 28.61 -10.67
N PHE D 18 -7.15 28.26 -11.94
CA PHE D 18 -6.98 26.90 -12.43
C PHE D 18 -5.59 26.63 -13.01
N SER D 19 -5.22 25.33 -13.12
CA SER D 19 -4.06 24.95 -13.93
C SER D 19 -4.29 25.40 -15.37
N ASN D 20 -3.20 25.47 -16.13
CA ASN D 20 -3.26 25.88 -17.54
C ASN D 20 -4.26 25.06 -18.39
N GLU D 21 -4.19 23.75 -18.23
CA GLU D 21 -5.06 22.83 -18.93
C GLU D 21 -6.57 23.07 -18.63
N ASN D 22 -6.94 23.14 -17.34
CA ASN D 22 -8.35 23.27 -16.92
C ASN D 22 -8.92 24.63 -17.37
N GLU D 23 -8.09 25.68 -17.32
CA GLU D 23 -8.45 27.01 -17.82
C GLU D 23 -8.86 26.94 -19.28
N SER D 24 -8.01 26.30 -20.12
CA SER D 24 -8.31 26.20 -21.56
C SER D 24 -9.58 25.38 -21.77
N ASN D 25 -9.76 24.32 -20.99
CA ASN D 25 -10.96 23.49 -21.10
C ASN D 25 -12.27 24.27 -20.81
N ILE D 26 -12.26 25.11 -19.75
CA ILE D 26 -13.45 25.88 -19.35
C ILE D 26 -13.75 26.99 -20.38
N ALA D 27 -12.70 27.69 -20.85
CA ALA D 27 -12.88 28.70 -21.88
C ALA D 27 -13.55 28.09 -23.13
N ASN D 28 -13.16 26.85 -23.49
CA ASN D 28 -13.76 26.22 -24.68
C ASN D 28 -15.26 25.94 -24.51
N ILE D 29 -15.66 25.41 -23.33
CA ILE D 29 -17.09 25.16 -23.02
C ILE D 29 -17.94 26.45 -23.12
N ILE D 30 -17.36 27.53 -22.60
CA ILE D 30 -17.98 28.86 -22.61
C ILE D 30 -18.21 29.31 -24.07
N LYS D 31 -17.18 29.14 -24.94
CA LYS D 31 -17.29 29.58 -26.33
C LYS D 31 -18.35 28.78 -27.07
N GLU D 32 -18.48 27.48 -26.78
CA GLU D 32 -19.54 26.71 -27.43
C GLU D 32 -20.94 27.20 -27.08
N ASN D 33 -21.14 27.87 -25.94
CA ASN D 33 -22.51 28.34 -25.70
C ASN D 33 -22.69 29.84 -26.00
N ALA D 34 -21.81 30.37 -26.87
CA ALA D 34 -21.70 31.71 -27.49
C ALA D 34 -21.14 32.80 -26.58
N GLY D 35 -20.53 32.45 -25.43
CA GLY D 35 -19.90 33.45 -24.59
C GLY D 35 -18.50 33.81 -25.07
N LYS D 36 -18.01 34.99 -24.66
CA LYS D 36 -16.67 35.53 -24.98
C LYS D 36 -15.72 35.53 -23.78
N ILE D 37 -14.42 35.20 -24.02
CA ILE D 37 -13.33 35.08 -23.01
C ILE D 37 -12.33 36.24 -23.05
N MET D 38 -12.05 36.84 -21.90
CA MET D 38 -11.26 38.06 -21.75
C MET D 38 -9.81 37.85 -21.26
N SER D 39 -9.00 38.91 -21.40
CA SER D 39 -7.57 39.01 -21.08
C SER D 39 -7.16 39.50 -19.68
N LEU D 40 -5.92 39.11 -19.31
CA LEU D 40 -5.19 39.61 -18.13
C LEU D 40 -4.98 41.13 -18.28
N LEU D 41 -4.79 41.82 -17.11
CA LEU D 41 -4.72 43.31 -16.97
C LEU D 41 -5.96 43.92 -17.62
N SER D 42 -6.82 42.97 -17.96
CA SER D 42 -8.09 42.85 -18.70
C SER D 42 -8.59 44.03 -19.48
N ARG D 43 -9.45 43.63 -20.40
CA ARG D 43 -10.23 44.48 -21.25
C ARG D 43 -11.15 45.28 -20.29
N THR D 44 -12.41 44.88 -20.23
CA THR D 44 -13.56 45.54 -19.61
C THR D 44 -13.93 44.63 -18.45
N VAL D 45 -14.88 45.03 -17.64
CA VAL D 45 -15.18 44.16 -16.53
C VAL D 45 -16.12 43.10 -17.12
N ALA D 46 -15.72 41.86 -16.98
CA ALA D 46 -16.54 40.73 -17.40
C ALA D 46 -17.84 40.57 -16.62
N ASP D 47 -18.87 40.15 -17.37
CA ASP D 47 -20.19 39.81 -16.82
C ASP D 47 -20.06 38.74 -15.71
N TYR D 48 -19.20 37.71 -15.90
CA TYR D 48 -19.06 36.61 -14.95
C TYR D 48 -17.56 36.33 -14.84
N ALA D 49 -17.07 36.02 -13.63
CA ALA D 49 -15.79 35.34 -13.36
C ALA D 49 -16.02 33.88 -12.86
N VAL D 50 -15.50 32.88 -13.59
CA VAL D 50 -15.58 31.47 -13.18
C VAL D 50 -14.37 31.08 -12.34
N VAL D 51 -14.60 30.59 -11.13
CA VAL D 51 -13.51 30.31 -10.19
C VAL D 51 -13.67 28.87 -9.69
N PRO D 52 -12.68 28.30 -8.96
CA PRO D 52 -12.86 26.95 -8.41
C PRO D 52 -13.93 26.95 -7.32
N LEU D 53 -14.32 25.75 -6.90
CA LEU D 53 -15.46 25.64 -5.99
C LEU D 53 -15.20 26.35 -4.66
N LEU D 54 -13.96 26.30 -4.18
CA LEU D 54 -13.61 26.83 -2.87
C LEU D 54 -13.23 28.28 -2.95
N GLY D 55 -13.37 28.85 -4.14
CA GLY D 55 -13.01 30.23 -4.36
C GLY D 55 -11.51 30.36 -4.59
N CYS D 56 -11.11 31.58 -4.83
CA CYS D 56 -9.73 31.93 -5.09
C CYS D 56 -9.66 33.45 -5.04
N GLU D 57 -8.49 33.98 -5.36
CA GLU D 57 -8.29 35.43 -5.43
C GLU D 57 -9.05 36.03 -6.63
N VAL D 58 -9.83 37.10 -6.40
CA VAL D 58 -10.52 37.81 -7.49
C VAL D 58 -10.02 39.25 -7.42
N GLU D 59 -9.04 39.57 -8.32
CA GLU D 59 -8.28 40.83 -8.31
C GLU D 59 -9.00 41.96 -9.04
N ALA D 60 -9.97 41.65 -9.88
CA ALA D 60 -10.61 42.64 -10.70
C ALA D 60 -12.04 42.77 -10.22
N THR D 61 -12.57 43.97 -10.34
CA THR D 61 -13.99 44.11 -10.17
C THR D 61 -14.60 43.25 -11.29
N VAL D 62 -15.58 42.41 -10.94
CA VAL D 62 -16.26 41.57 -11.94
C VAL D 62 -17.75 41.53 -11.67
N GLY D 63 -18.51 41.09 -12.70
CA GLY D 63 -19.94 40.98 -12.56
C GLY D 63 -20.49 40.05 -11.49
N GLU D 64 -20.21 38.76 -11.49
CA GLU D 64 -20.69 37.85 -10.45
C GLU D 64 -19.58 36.85 -10.38
N VAL D 65 -19.17 36.52 -9.17
CA VAL D 65 -18.19 35.48 -9.00
C VAL D 65 -19.00 34.18 -8.94
N VAL D 66 -18.68 33.22 -9.85
CA VAL D 66 -19.42 31.98 -10.02
C VAL D 66 -18.41 30.83 -10.09
N THR D 67 -18.89 29.61 -9.85
CA THR D 67 -18.01 28.45 -9.82
C THR D 67 -18.18 27.67 -11.11
N ASN D 68 -17.21 26.79 -11.39
CA ASN D 68 -17.33 25.93 -12.57
C ASN D 68 -18.50 24.99 -12.44
N THR D 69 -18.93 24.75 -11.20
CA THR D 69 -20.13 23.99 -10.94
C THR D 69 -21.36 24.69 -11.50
N TRP D 70 -21.45 26.00 -11.30
CA TRP D 70 -22.51 26.78 -11.92
C TRP D 70 -22.48 26.63 -13.44
N LEU D 71 -21.31 26.83 -14.06
CA LEU D 71 -21.20 26.76 -15.53
C LEU D 71 -21.76 25.44 -16.08
N VAL D 72 -21.27 24.32 -15.56
CA VAL D 72 -21.71 23.04 -16.09
C VAL D 72 -23.21 22.80 -15.80
N THR D 73 -23.71 23.23 -14.63
CA THR D 73 -25.15 23.03 -14.36
C THR D 73 -26.02 23.83 -15.34
N CYS D 74 -25.59 25.07 -15.65
CA CYS D 74 -26.30 25.88 -16.63
C CYS D 74 -26.33 25.18 -17.99
N ILE D 75 -25.19 24.62 -18.40
CA ILE D 75 -25.12 23.96 -19.70
C ILE D 75 -25.90 22.64 -19.73
N ASP D 76 -25.83 21.86 -18.64
CA ASP D 76 -26.56 20.59 -18.51
C ASP D 76 -28.08 20.71 -18.59
N TYR D 77 -28.65 21.77 -18.02
CA TYR D 77 -30.09 21.94 -18.05
C TYR D 77 -30.47 23.01 -19.08
N GLN D 78 -29.48 23.49 -19.86
CA GLN D 78 -29.66 24.50 -20.90
C GLN D 78 -30.49 25.69 -20.40
N THR D 79 -30.20 26.16 -19.16
CA THR D 79 -30.93 27.22 -18.45
C THR D 79 -29.90 28.10 -17.75
N LEU D 80 -30.08 29.43 -17.77
CA LEU D 80 -29.15 30.36 -17.08
C LEU D 80 -29.69 30.60 -15.67
N PHE D 81 -29.27 29.73 -14.73
CA PHE D 81 -29.66 29.77 -13.32
C PHE D 81 -29.06 30.98 -12.64
N ASP D 82 -29.84 31.58 -11.77
CA ASP D 82 -29.33 32.62 -10.90
C ASP D 82 -28.23 32.07 -9.98
N PRO D 83 -27.04 32.69 -9.94
CA PRO D 83 -25.99 32.18 -9.04
C PRO D 83 -26.38 32.12 -7.56
N LYS D 84 -27.30 32.98 -7.13
CA LYS D 84 -27.80 32.99 -5.76
C LYS D 84 -28.77 31.85 -5.44
N SER D 85 -29.27 31.06 -6.44
CA SER D 85 -30.30 30.01 -6.25
C SER D 85 -29.81 28.69 -5.64
N ASN D 86 -28.51 28.51 -5.50
CA ASN D 86 -27.86 27.31 -5.00
C ASN D 86 -26.51 27.68 -4.43
N PRO D 87 -26.20 27.26 -3.23
CA PRO D 87 -24.95 27.68 -2.63
C PRO D 87 -23.70 27.17 -3.34
N LEU D 88 -23.80 26.13 -4.19
CA LEU D 88 -22.63 25.66 -4.94
C LEU D 88 -22.32 26.48 -6.19
N PHE D 89 -23.13 27.45 -6.53
CA PHE D 89 -22.91 28.29 -7.69
C PHE D 89 -21.97 29.44 -7.42
N THR D 90 -21.65 29.69 -6.17
CA THR D 90 -20.73 30.72 -5.69
C THR D 90 -19.72 30.07 -4.75
N PRO D 91 -18.58 30.72 -4.51
CA PRO D 91 -17.55 30.12 -3.64
C PRO D 91 -18.12 29.63 -2.32
N VAL D 92 -17.61 28.48 -1.88
CA VAL D 92 -18.07 27.77 -0.69
C VAL D 92 -17.05 28.00 0.42
N PRO D 93 -17.46 28.55 1.57
CA PRO D 93 -16.51 28.80 2.66
C PRO D 93 -16.06 27.50 3.28
N VAL D 94 -14.75 27.35 3.39
CA VAL D 94 -14.21 26.13 3.94
C VAL D 94 -13.19 26.52 4.95
N MET D 95 -13.33 25.97 6.13
CA MET D 95 -12.32 26.16 7.14
C MET D 95 -11.18 25.25 6.73
N THR D 96 -10.09 25.86 6.26
CA THR D 96 -8.96 25.11 5.73
C THR D 96 -8.32 24.22 6.79
N GLY D 97 -7.99 23.01 6.38
CA GLY D 97 -7.26 22.10 7.23
C GLY D 97 -8.12 21.31 8.19
N MET D 98 -9.42 21.60 8.25
CA MET D 98 -10.32 20.93 9.16
C MET D 98 -11.01 19.77 8.49
N THR D 99 -11.05 18.67 9.24
CA THR D 99 -11.66 17.39 8.86
C THR D 99 -12.67 16.91 9.90
N PRO D 100 -13.79 17.63 10.05
CA PRO D 100 -14.78 17.30 11.09
C PRO D 100 -15.59 16.03 10.90
N LEU D 101 -15.64 15.50 9.70
CA LEU D 101 -16.38 14.27 9.38
C LEU D 101 -15.48 13.02 9.24
N GLU D 102 -14.29 13.02 9.81
CA GLU D 102 -13.37 11.90 9.59
C GLU D 102 -13.95 10.51 9.93
N ASP D 103 -14.93 10.38 10.85
CA ASP D 103 -15.49 9.04 11.11
C ASP D 103 -16.82 8.77 10.37
N CYS D 104 -17.21 9.61 9.44
CA CYS D 104 -18.49 9.48 8.77
C CYS D 104 -18.43 8.80 7.41
N VAL D 105 -19.56 8.22 7.01
CA VAL D 105 -19.75 7.51 5.76
C VAL D 105 -21.01 8.02 5.15
N ILE D 106 -20.92 8.63 3.99
CA ILE D 106 -22.06 9.38 3.51
C ILE D 106 -22.59 8.74 2.26
N SER D 107 -23.88 8.68 2.11
CA SER D 107 -24.39 8.41 0.78
C SER D 107 -25.29 9.56 0.36
N PHE D 108 -25.33 9.91 -0.95
CA PHE D 108 -26.22 11.01 -1.36
C PHE D 108 -27.43 10.45 -2.06
N SER D 109 -28.54 11.18 -1.92
CA SER D 109 -29.77 10.91 -2.65
C SER D 109 -30.29 12.19 -3.27
N GLN D 110 -30.90 12.03 -4.44
CA GLN D 110 -31.60 13.09 -5.17
C GLN D 110 -30.60 14.12 -5.71
N CYS D 111 -29.33 13.77 -5.78
CA CYS D 111 -28.30 14.64 -6.30
C CYS D 111 -27.74 14.02 -7.56
N ALA D 112 -27.52 14.88 -8.56
CA ALA D 112 -27.00 14.40 -9.84
C ALA D 112 -25.94 15.37 -10.38
N GLY D 113 -25.22 14.85 -11.37
CA GLY D 113 -24.30 15.61 -12.19
C GLY D 113 -23.27 16.40 -11.41
N ALA D 114 -23.08 17.62 -11.87
CA ALA D 114 -22.11 18.53 -11.29
C ALA D 114 -22.38 18.76 -9.80
N GLU D 115 -23.67 18.86 -9.41
CA GLU D 115 -24.01 19.07 -8.00
C GLU D 115 -23.47 17.94 -7.13
N LYS D 116 -23.78 16.69 -7.51
CA LYS D 116 -23.29 15.45 -6.86
C LYS D 116 -21.75 15.39 -6.83
N GLU D 117 -21.09 15.79 -7.94
CA GLU D 117 -19.62 15.79 -7.96
C GLU D 117 -19.04 16.74 -6.94
N SER D 118 -19.61 17.94 -6.85
CA SER D 118 -19.10 18.95 -5.93
C SER D 118 -19.36 18.59 -4.48
N LEU D 119 -20.55 18.02 -4.22
CA LEU D 119 -20.88 17.61 -2.87
C LEU D 119 -19.94 16.51 -2.44
N THR D 120 -19.63 15.59 -3.36
CA THR D 120 -18.68 14.54 -3.02
C THR D 120 -17.30 15.13 -2.76
N PHE D 121 -16.89 16.12 -3.57
CA PHE D 121 -15.59 16.74 -3.29
C PHE D 121 -15.54 17.27 -1.87
N LEU D 122 -16.61 17.96 -1.47
CA LEU D 122 -16.59 18.59 -0.16
C LEU D 122 -16.59 17.54 0.93
N ALA D 123 -17.41 16.50 0.80
CA ALA D 123 -17.41 15.48 1.84
C ALA D 123 -16.02 14.88 2.04
N ASN D 124 -15.35 14.53 0.93
CA ASN D 124 -14.04 13.93 1.09
C ASN D 124 -13.06 14.92 1.68
N LEU D 125 -13.11 16.18 1.24
CA LEU D 125 -12.17 17.16 1.79
C LEU D 125 -12.28 17.28 3.30
N LEU D 126 -13.49 17.15 3.83
CA LEU D 126 -13.71 17.20 5.27
C LEU D 126 -13.45 15.87 5.98
N GLY D 127 -13.10 14.82 5.23
CA GLY D 127 -12.64 13.59 5.82
C GLY D 127 -13.64 12.46 5.75
N ALA D 128 -14.84 12.73 5.28
CA ALA D 128 -15.76 11.64 5.24
C ALA D 128 -15.38 10.79 4.03
N SER D 129 -15.74 9.53 4.05
CA SER D 129 -15.72 8.65 2.87
C SER D 129 -17.10 8.62 2.22
N VAL D 130 -17.19 8.76 0.90
CA VAL D 130 -18.49 8.67 0.23
C VAL D 130 -18.68 7.39 -0.59
N GLN D 131 -19.77 6.65 -0.33
CA GLN D 131 -20.10 5.40 -1.02
C GLN D 131 -21.35 5.63 -1.84
N GLU D 132 -21.32 5.14 -3.05
CA GLU D 132 -22.50 5.22 -3.89
C GLU D 132 -23.72 4.53 -3.23
N TYR D 133 -23.52 3.40 -2.56
CA TYR D 133 -24.64 2.67 -2.00
C TYR D 133 -24.75 2.96 -0.51
N PHE D 134 -25.98 2.96 -0.06
CA PHE D 134 -26.35 3.28 1.31
C PHE D 134 -26.54 1.99 2.08
N VAL D 135 -25.65 1.66 3.05
CA VAL D 135 -25.86 0.36 3.69
C VAL D 135 -25.85 0.36 5.20
N ARG D 136 -26.56 -0.63 5.79
CA ARG D 136 -26.57 -0.63 7.25
C ARG D 136 -25.63 -1.60 7.93
N LYS D 137 -24.98 -2.51 7.23
CA LYS D 137 -24.11 -3.45 7.94
C LYS D 137 -22.84 -3.54 7.11
N SER D 138 -21.64 -3.44 7.73
CA SER D 138 -20.47 -3.54 6.87
C SER D 138 -20.46 -4.97 6.33
N ASN D 139 -19.93 -5.14 5.12
CA ASN D 139 -19.79 -6.44 4.44
C ASN D 139 -18.40 -6.62 3.79
N ALA D 140 -17.46 -7.37 4.41
CA ALA D 140 -16.13 -7.48 3.81
C ALA D 140 -16.14 -8.04 2.34
N LYS D 141 -16.96 -9.06 2.07
CA LYS D 141 -16.93 -9.69 0.76
C LYS D 141 -17.38 -8.71 -0.35
N LYS D 142 -18.45 -7.90 -0.13
CA LYS D 142 -18.86 -7.02 -1.23
C LYS D 142 -18.17 -5.68 -1.20
N GLY D 143 -17.32 -5.48 -0.19
CA GLY D 143 -16.50 -4.29 0.09
C GLY D 143 -17.17 -2.99 0.50
N MET D 144 -18.36 -3.08 1.10
CA MET D 144 -19.17 -1.97 1.59
C MET D 144 -19.16 -1.88 3.11
N PHE D 145 -19.05 -0.63 3.59
CA PHE D 145 -19.08 -0.17 4.97
C PHE D 145 -20.41 0.43 5.35
N ALA D 146 -20.80 0.24 6.62
CA ALA D 146 -22.07 0.79 7.09
C ALA D 146 -22.08 2.29 6.95
N SER D 147 -23.24 2.86 6.53
CA SER D 147 -23.34 4.31 6.38
C SER D 147 -23.76 4.96 7.69
N THR D 148 -23.20 6.14 7.94
CA THR D 148 -23.60 6.97 9.04
C THR D 148 -24.58 8.09 8.73
N HIS D 149 -24.60 8.58 7.49
CA HIS D 149 -25.39 9.74 7.14
C HIS D 149 -25.99 9.64 5.74
N LEU D 150 -27.22 10.08 5.60
CA LEU D 150 -27.80 10.28 4.28
C LEU D 150 -27.91 11.76 4.04
N ILE D 151 -27.43 12.25 2.91
CA ILE D 151 -27.62 13.64 2.57
C ILE D 151 -28.50 13.70 1.34
N LEU D 152 -29.57 14.48 1.46
CA LEU D 152 -30.58 14.57 0.45
C LEU D 152 -31.26 15.93 0.52
N LYS D 153 -32.31 16.07 -0.33
CA LYS D 153 -33.09 17.28 -0.63
C LYS D 153 -34.58 17.24 -0.22
N GLU D 154 -35.26 16.08 -0.25
CA GLU D 154 -36.72 15.95 -0.05
C GLU D 154 -37.09 14.76 0.82
N ARG D 155 -38.28 14.81 1.43
CA ARG D 155 -38.84 13.65 2.12
C ARG D 155 -39.05 12.66 0.95
N GLY D 156 -38.64 11.37 1.04
CA GLY D 156 -38.97 10.48 -0.06
C GLY D 156 -37.86 9.68 -0.73
N GLY D 157 -38.23 8.54 -1.31
CA GLY D 157 -37.25 7.76 -2.05
C GLY D 157 -36.75 6.53 -1.28
N SER D 158 -35.94 5.73 -1.97
CA SER D 158 -35.54 4.47 -1.37
C SER D 158 -34.66 4.72 -0.15
N LYS D 159 -33.66 5.58 -0.35
CA LYS D 159 -32.72 5.82 0.69
C LYS D 159 -33.35 6.54 1.87
N TYR D 160 -34.29 7.45 1.62
CA TYR D 160 -35.00 8.09 2.74
C TYR D 160 -35.62 7.07 3.68
N GLU D 161 -36.40 6.16 3.08
CA GLU D 161 -37.11 5.11 3.80
C GLU D 161 -36.13 4.23 4.54
N ALA D 162 -35.00 3.93 3.88
CA ALA D 162 -34.00 3.12 4.55
C ALA D 162 -33.47 3.81 5.80
N ALA D 163 -33.24 5.13 5.73
CA ALA D 163 -32.67 5.80 6.89
C ALA D 163 -33.62 5.72 8.04
N LYS D 164 -34.93 5.82 7.75
CA LYS D 164 -35.94 5.67 8.79
C LYS D 164 -35.95 4.25 9.37
N LYS D 165 -35.93 3.21 8.50
CA LYS D 165 -35.96 1.83 9.02
C LYS D 165 -34.75 1.56 9.90
N TRP D 166 -33.58 2.07 9.51
CA TRP D 166 -32.31 1.79 10.16
C TRP D 166 -31.94 2.80 11.26
N ASN D 167 -32.80 3.78 11.47
CA ASN D 167 -32.60 4.87 12.42
C ASN D 167 -31.30 5.65 12.16
N LEU D 168 -31.09 5.95 10.90
CA LEU D 168 -29.94 6.77 10.59
C LEU D 168 -30.37 8.18 10.20
N PRO D 169 -29.56 9.19 10.56
CA PRO D 169 -29.96 10.56 10.25
C PRO D 169 -30.01 10.81 8.77
N ALA D 170 -31.09 11.43 8.33
CA ALA D 170 -31.24 11.82 6.92
C ALA D 170 -31.33 13.34 6.99
N VAL D 171 -30.34 14.04 6.42
CA VAL D 171 -30.17 15.45 6.65
C VAL D 171 -30.09 16.22 5.31
N THR D 172 -30.29 17.55 5.41
CA THR D 172 -30.24 18.44 4.26
C THR D 172 -28.80 18.79 3.85
N ILE D 173 -28.65 19.33 2.62
CA ILE D 173 -27.32 19.68 2.12
C ILE D 173 -26.70 20.75 2.99
N ALA D 174 -27.58 21.57 3.59
CA ALA D 174 -27.17 22.64 4.49
C ALA D 174 -26.30 22.11 5.59
N TRP D 175 -26.56 20.86 6.00
CA TRP D 175 -25.76 20.24 7.04
C TRP D 175 -24.29 20.19 6.62
N LEU D 176 -24.04 19.75 5.39
CA LEU D 176 -22.65 19.62 4.96
C LEU D 176 -21.98 21.00 4.80
N LEU D 177 -22.71 21.98 4.22
CA LEU D 177 -22.11 23.30 3.96
C LEU D 177 -21.79 24.03 5.24
N GLU D 178 -22.58 23.80 6.29
CA GLU D 178 -22.36 24.43 7.58
C GLU D 178 -21.19 23.76 8.29
N THR D 179 -21.08 22.46 8.12
CA THR D 179 -19.93 21.80 8.68
C THR D 179 -18.64 22.29 8.04
N ALA D 180 -18.67 22.47 6.72
CA ALA D 180 -17.48 22.95 6.01
C ALA D 180 -17.09 24.33 6.42
N ARG D 181 -18.12 25.16 6.56
CA ARG D 181 -17.95 26.56 6.91
C ARG D 181 -17.31 26.73 8.28
N THR D 182 -17.67 25.86 9.26
CA THR D 182 -17.19 26.02 10.65
C THR D 182 -16.01 25.14 11.03
N GLY D 183 -15.76 24.05 10.30
CA GLY D 183 -14.78 23.05 10.68
C GLY D 183 -15.18 22.14 11.83
N LYS D 184 -16.43 22.22 12.31
CA LYS D 184 -16.95 21.38 13.37
C LYS D 184 -18.19 20.67 12.83
N ARG D 185 -18.34 19.43 13.23
CA ARG D 185 -19.49 18.66 12.81
C ARG D 185 -20.81 19.29 13.26
N ALA D 186 -21.64 19.68 12.31
CA ALA D 186 -22.85 20.31 12.78
C ALA D 186 -23.77 19.33 13.47
N ASP D 187 -24.65 19.86 14.31
CA ASP D 187 -25.63 19.01 14.99
C ASP D 187 -26.69 18.58 13.96
N GLU D 188 -26.69 17.30 13.58
CA GLU D 188 -27.63 16.74 12.60
C GLU D 188 -29.09 17.06 12.96
N SER D 189 -29.38 17.04 14.27
CA SER D 189 -30.72 17.22 14.82
C SER D 189 -31.33 18.61 14.52
N HIS D 190 -30.51 19.63 14.14
CA HIS D 190 -30.97 20.98 13.72
C HIS D 190 -31.31 21.01 12.22
N PHE D 191 -31.02 19.95 11.46
CA PHE D 191 -31.11 19.94 9.99
C PHE D 191 -31.84 18.74 9.46
N LEU D 192 -32.62 18.05 10.29
CA LEU D 192 -33.25 16.83 9.83
C LEU D 192 -34.20 17.09 8.68
N ILE D 193 -34.22 16.15 7.72
CA ILE D 193 -35.05 16.31 6.51
C ILE D 193 -36.52 16.40 6.91
N GLU D 194 -36.89 15.72 8.02
CA GLU D 194 -38.23 15.59 8.63
C GLU D 194 -38.80 16.93 9.11
N ASN D 195 -37.94 17.94 9.30
CA ASN D 195 -38.30 19.24 9.84
C ASN D 195 -38.27 20.30 8.77
N SER D 196 -38.19 19.91 7.50
CA SER D 196 -37.95 20.84 6.41
C SER D 196 -39.27 21.33 5.75
N SER E 2 -32.96 -6.75 1.31
CA SER E 2 -31.53 -6.73 1.65
C SER E 2 -31.20 -5.93 2.91
N ASP E 3 -30.00 -5.39 2.90
CA ASP E 3 -29.47 -4.60 4.00
C ASP E 3 -28.67 -3.43 3.47
N LEU E 4 -29.05 -3.01 2.27
CA LEU E 4 -28.11 -2.36 1.40
C LEU E 4 -28.88 -1.81 0.22
N VAL E 5 -29.03 -0.47 0.14
CA VAL E 5 -29.78 0.23 -0.90
C VAL E 5 -28.85 0.79 -1.95
N ALA E 6 -29.18 0.52 -3.20
CA ALA E 6 -28.30 0.76 -4.33
C ALA E 6 -28.38 2.20 -4.79
N PRO E 7 -27.34 2.68 -5.55
CA PRO E 7 -27.16 3.96 -6.28
C PRO E 7 -28.38 4.64 -6.96
N SEP E 8 -28.04 5.80 -7.52
CA SEP E 8 -29.01 6.75 -8.06
CB SEP E 8 -28.74 8.19 -7.46
OG SEP E 8 -29.88 8.86 -6.89
C SEP E 8 -28.89 6.73 -9.62
O SEP E 8 -29.00 7.79 -10.26
P SEP E 8 -30.82 8.04 -5.83
O1P SEP E 8 -29.82 7.50 -4.59
O2P SEP E 8 -31.71 6.93 -6.69
O3P SEP E 8 -31.89 9.06 -5.19
N PRO E 9 -28.76 5.50 -10.22
CA PRO E 9 -27.93 5.27 -11.45
C PRO E 9 -28.06 6.35 -12.56
N ASP E 10 -27.03 7.22 -12.71
CA ASP E 10 -26.98 8.28 -13.74
C ASP E 10 -25.66 9.12 -13.66
N SER F 2 0.62 1.61 41.63
CA SER F 2 -0.33 2.50 40.98
C SER F 2 -0.82 2.00 39.61
N ASP F 3 -1.14 2.98 38.78
CA ASP F 3 -1.65 2.73 37.43
C ASP F 3 -1.05 3.73 36.46
N LEU F 4 0.12 4.20 36.81
CA LEU F 4 0.55 5.52 36.38
C LEU F 4 2.01 5.68 36.75
N VAL F 5 2.91 5.67 35.76
CA VAL F 5 4.36 5.76 35.95
C VAL F 5 4.84 7.18 35.68
N ALA F 6 5.63 7.70 36.59
CA ALA F 6 5.99 9.10 36.64
C ALA F 6 7.16 9.38 35.72
N PRO F 7 7.37 10.70 35.34
CA PRO F 7 8.46 11.34 34.59
C PRO F 7 9.93 10.84 34.77
N SEP F 8 10.76 11.52 33.98
CA SEP F 8 12.18 11.14 33.79
CB SEP F 8 12.48 11.04 32.25
OG SEP F 8 13.14 9.82 31.81
C SEP F 8 13.06 12.21 34.52
O SEP F 8 14.13 12.58 33.99
P SEP F 8 12.50 8.39 32.30
O1P SEP F 8 12.85 8.18 33.91
O2P SEP F 8 10.89 8.37 31.80
O3P SEP F 8 13.26 7.19 31.53
N PRO F 9 12.64 12.64 35.75
CA PRO F 9 12.83 14.04 36.24
C PRO F 9 14.21 14.69 35.94
N ASP F 10 14.26 15.61 34.96
CA ASP F 10 15.49 16.35 34.57
C ASP F 10 15.22 17.35 33.41
#